data_5TJI
#
_entry.id   5TJI
#
_cell.length_a   1
_cell.length_b   1
_cell.length_c   1
_cell.angle_alpha   90.00
_cell.angle_beta   90.00
_cell.angle_gamma   90.00
#
_symmetry.space_group_name_H-M   'P 1'
#
loop_
_entity.id
_entity.type
_entity.pdbx_description
1 polymer 'High conductance calcium-activated potassium channel'
2 non-polymer '(1R)-2-{[(S)-{[(2S)-2,3-dihydroxypropyl]oxy}(hydroxy)phosphoryl]oxy}-1-[(hexadecanoyloxy)methyl]ethyl (9Z)-octadec-9-enoate'
#
_entity_poly.entity_id   1
_entity_poly.type   'polypeptide(L)'
_entity_poly.pdbx_seq_one_letter_code
;MASSSSTSCEPGDRQWYSFLASSLVTFGSGLVVIIIYRIVLWLCCRKKKCIQVSNPVPTARTTSLDQKSFMKNSDPEIGW
MTEAKDWAGELISGQTTTGRILVGLVFLLSIASLIIYFIDASTNTSVETCLPWSSSTTQQVDLAFNVFFMIYFFIRFVAA
NDKLWFWVELFSFVDYFTIPPSFVAIYLDRNWLGLRFLRALRLMSIPDILTYLNVLKTSTLIRLVQLVVSFVSLWLTAAG
FLHLLENSGDPFFDFGNAQHLTYWECLYFLMVTMSTVGFGDIFATTVLGRTFVVIFIMIFIGLFASFIPEIAEILGKRQK
YGGSYKKERGKRHVVVCGYITFDSVSNFLKDFLHKDREDVDVEIVFLHKGLPGLELEGLLKRHFTQVEYFWGSVMDANDL
ERVKIQEADACLVLANKYCQDPDQEDAANIMRVISIKNYHSDIKVIVQLLQYHNKAYLLNIPSWDWKRGDDAVCVAELKL
GFIAQSCLAPGFSTLMANLFTMRSYKPTPEMSQWQTDYMRGTGMEMYTEYLSSAFNALTFPEAAELCFSKLKLLLLAIEV
RQEDTRESTLAINPGPKVKIENATQGFFIAESAEEVKRAFYYCKNCHANVSDVRQIKKCKCRPLAMFKKGAAAVLALQRT
PGLAVEPDGEANDKDKSRGTSTSKAVTSFPEKRKPQSRRKPSTTLKSKSPSEDSVPPPPPPVDEPRKFDSTGMFHWCPDR
PLNDCLQDRSQASASGLRNHVVVCLFADAASPLIGLRNLVMPLRASNFHYHELKPTIIVGNLDYLHREWKTLQNFPKLSI
LPGSPLNRANLRAVNINLCDMCVIVSAKDRNMEDPNLVDKEAILCSLNIKAMTFDDTMGLIQSSNFVPGGFSPLHENKRS
QAGANVPLITELANDSNVQFLDQDDDDDPDTELYMTQPFACGTAFAVSVLDSLMSTSYFNDNALTLIRTLITGGATPELE
QILAEGAGMRGGYCSPAVLANRDRCRVAQISLFDGPLAQFGQGGHYGELFVYALRHFGILCIGLYRFRDTNESVRSPSSK
RYVITNPPEDFPLLPTDQVYVLTYKQITNH
;
_entity_poly.pdbx_strand_id   A
#
loop_
_chem_comp.id
_chem_comp.type
_chem_comp.name
_chem_comp.formula
PGW non-polymer '(1R)-2-{[(S)-{[(2S)-2,3-dihydroxypropyl]oxy}(hydroxy)phosphoryl]oxy}-1-[(hexadecanoyloxy)methyl]ethyl (9Z)-octadec-9-enoate' 'C40 H77 O10 P'
#
# COMPACT_ATOMS: atom_id res chain seq x y z
N GLN A 15 -22.69 55.40 -45.42
CA GLN A 15 -22.05 54.71 -44.26
C GLN A 15 -21.96 53.20 -44.49
N TRP A 16 -23.11 52.58 -44.77
CA TRP A 16 -23.18 51.14 -45.00
C TRP A 16 -22.63 50.72 -46.37
N TYR A 17 -22.85 51.55 -47.40
CA TYR A 17 -22.48 51.23 -48.79
C TYR A 17 -21.14 51.86 -49.21
N SER A 18 -20.96 53.15 -48.90
CA SER A 18 -19.79 53.92 -49.35
C SER A 18 -18.44 53.30 -48.98
N PHE A 19 -18.32 52.88 -47.72
CA PHE A 19 -17.10 52.24 -47.22
C PHE A 19 -17.00 50.77 -47.63
N LEU A 20 -18.13 50.07 -47.58
CA LEU A 20 -18.18 48.64 -47.94
C LEU A 20 -18.00 48.38 -49.44
N ALA A 21 -18.32 49.38 -50.27
CA ALA A 21 -18.06 49.29 -51.71
C ALA A 21 -16.57 49.30 -52.03
N SER A 22 -15.81 50.17 -51.36
CA SER A 22 -14.37 50.29 -51.55
C SER A 22 -13.59 49.04 -51.12
N SER A 23 -14.09 48.34 -50.11
CA SER A 23 -13.51 47.06 -49.67
C SER A 23 -13.69 45.95 -50.71
N LEU A 24 -14.85 45.93 -51.37
CA LEU A 24 -15.14 44.93 -52.43
C LEU A 24 -14.35 45.15 -53.72
N VAL A 25 -13.85 46.36 -53.95
CA VAL A 25 -13.05 46.67 -55.15
C VAL A 25 -11.71 45.93 -55.13
N THR A 26 -11.08 45.85 -53.97
CA THR A 26 -9.81 45.11 -53.81
C THR A 26 -9.99 43.61 -54.07
N PHE A 27 -11.07 43.04 -53.52
CA PHE A 27 -11.40 41.63 -53.73
C PHE A 27 -11.88 41.33 -55.14
N GLY A 28 -12.70 42.23 -55.70
CA GLY A 28 -13.27 42.06 -57.03
C GLY A 28 -12.26 42.13 -58.16
N SER A 29 -11.53 43.25 -58.21
CA SER A 29 -10.50 43.46 -59.24
C SER A 29 -9.23 42.63 -59.03
N GLY A 30 -8.98 42.19 -57.80
CA GLY A 30 -7.80 41.40 -57.46
C GLY A 30 -7.78 40.00 -58.05
N LEU A 31 -8.92 39.31 -57.98
CA LEU A 31 -9.08 37.97 -58.56
C LEU A 31 -9.08 37.98 -60.10
N VAL A 32 -9.46 39.11 -60.70
CA VAL A 32 -9.44 39.27 -62.16
C VAL A 32 -8.00 39.24 -62.71
N VAL A 33 -7.03 39.68 -61.90
CA VAL A 33 -5.61 39.63 -62.27
C VAL A 33 -5.10 38.18 -62.37
N ILE A 34 -5.52 37.34 -61.43
CA ILE A 34 -5.04 35.94 -61.34
C ILE A 34 -5.74 35.03 -62.36
N ILE A 35 -7.05 35.25 -62.58
CA ILE A 35 -7.84 34.41 -63.51
C ILE A 35 -7.37 34.56 -64.96
N ILE A 36 -7.10 35.80 -65.39
CA ILE A 36 -6.56 36.07 -66.73
C ILE A 36 -5.12 35.54 -66.84
N TYR A 37 -4.34 35.73 -65.77
CA TYR A 37 -2.99 35.17 -65.65
C TYR A 37 -2.95 33.63 -65.74
N ARG A 38 -3.95 32.97 -65.15
CA ARG A 38 -4.05 31.50 -65.17
C ARG A 38 -4.48 30.95 -66.54
N ILE A 39 -5.40 31.66 -67.22
CA ILE A 39 -5.89 31.26 -68.55
C ILE A 39 -4.79 31.29 -69.62
N VAL A 40 -3.79 32.16 -69.43
CA VAL A 40 -2.59 32.17 -70.31
C VAL A 40 -1.80 30.86 -70.17
N LEU A 41 -1.66 30.36 -68.93
CA LEU A 41 -1.01 29.07 -68.67
C LEU A 41 -1.87 27.87 -69.11
N TRP A 42 -3.19 28.01 -68.99
CA TRP A 42 -4.14 26.93 -69.30
C TRP A 42 -4.15 26.53 -70.79
N LEU A 43 -4.50 27.47 -71.66
CA LEU A 43 -4.69 27.18 -73.09
C LEU A 43 -3.39 26.91 -73.84
N CYS A 44 -2.34 27.69 -73.54
CA CYS A 44 -1.03 27.51 -74.17
C CYS A 44 -0.31 26.29 -73.62
N GLY A 79 17.76 38.44 -57.75
CA GLY A 79 16.79 38.18 -58.80
C GLY A 79 15.39 38.67 -58.44
N TRP A 80 14.55 38.79 -59.47
CA TRP A 80 13.14 39.20 -59.29
C TRP A 80 12.12 38.06 -59.44
N MET A 81 12.50 36.98 -60.13
CA MET A 81 11.59 35.85 -60.38
C MET A 81 11.40 34.99 -59.13
N THR A 82 12.47 34.29 -58.72
CA THR A 82 12.43 33.37 -57.57
C THR A 82 13.54 33.60 -56.53
N GLU A 83 14.15 34.78 -56.55
CA GLU A 83 15.13 35.18 -55.53
C GLU A 83 14.39 35.73 -54.31
N ALA A 84 13.42 36.62 -54.56
CA ALA A 84 12.52 37.12 -53.53
C ALA A 84 11.53 36.06 -53.03
N LYS A 85 11.23 35.05 -53.86
CA LYS A 85 10.31 33.96 -53.50
C LYS A 85 10.89 33.05 -52.41
N ASP A 86 12.14 32.65 -52.58
CA ASP A 86 12.85 31.84 -51.57
C ASP A 86 13.12 32.62 -50.28
N TRP A 87 13.43 33.91 -50.42
CA TRP A 87 13.64 34.81 -49.28
C TRP A 87 12.36 35.10 -48.50
N ALA A 88 11.24 35.26 -49.22
CA ALA A 88 9.93 35.46 -48.59
C ALA A 88 9.49 34.26 -47.75
N GLY A 89 9.75 33.05 -48.25
CA GLY A 89 9.51 31.82 -47.51
C GLY A 89 10.45 31.65 -46.33
N GLU A 90 11.72 31.99 -46.52
CA GLU A 90 12.73 31.95 -45.45
C GLU A 90 12.50 33.01 -44.37
N LEU A 91 11.94 34.16 -44.76
CA LEU A 91 11.61 35.23 -43.83
C LEU A 91 10.44 34.82 -42.92
N ILE A 92 9.30 34.53 -43.53
CA ILE A 92 8.10 34.08 -42.81
C ILE A 92 8.07 32.56 -42.81
N SER A 93 8.68 31.96 -41.79
CA SER A 93 8.78 30.50 -41.65
C SER A 93 8.20 30.03 -40.31
N GLY A 94 8.78 30.50 -39.21
CA GLY A 94 8.43 30.05 -37.86
C GLY A 94 9.65 29.47 -37.15
N GLN A 95 10.41 28.65 -37.87
CA GLN A 95 11.68 28.10 -37.37
C GLN A 95 12.73 29.19 -37.18
N THR A 96 12.78 30.13 -38.13
CA THR A 96 13.70 31.27 -38.05
C THR A 96 13.26 32.26 -36.97
N THR A 97 14.24 32.98 -36.42
CA THR A 97 13.99 34.02 -35.42
C THR A 97 13.28 35.25 -36.03
N THR A 98 13.62 35.56 -37.29
CA THR A 98 12.93 36.61 -38.04
C THR A 98 11.46 36.27 -38.29
N GLY A 99 11.17 34.99 -38.53
CA GLY A 99 9.80 34.51 -38.68
C GLY A 99 8.98 34.60 -37.40
N ARG A 100 9.61 34.32 -36.26
CA ARG A 100 8.95 34.40 -34.95
C ARG A 100 8.67 35.84 -34.52
N ILE A 101 9.64 36.73 -34.74
CA ILE A 101 9.51 38.15 -34.37
C ILE A 101 8.50 38.88 -35.27
N LEU A 102 8.52 38.57 -36.57
CA LEU A 102 7.57 39.15 -37.53
C LEU A 102 6.13 38.74 -37.23
N VAL A 103 5.92 37.46 -36.92
CA VAL A 103 4.60 36.95 -36.50
C VAL A 103 4.22 37.48 -35.10
N GLY A 104 5.22 37.63 -34.23
CA GLY A 104 5.03 38.23 -32.91
C GLY A 104 4.53 39.67 -32.95
N LEU A 105 5.01 40.44 -33.94
CA LEU A 105 4.51 41.79 -34.20
C LEU A 105 3.06 41.78 -34.70
N VAL A 106 2.74 40.85 -35.61
CA VAL A 106 1.37 40.68 -36.12
C VAL A 106 0.39 40.33 -35.00
N PHE A 107 0.84 39.54 -34.02
CA PHE A 107 0.04 39.21 -32.83
C PHE A 107 -0.27 40.45 -31.98
N LEU A 108 0.74 41.28 -31.72
CA LEU A 108 0.59 42.48 -30.89
C LEU A 108 -0.14 43.61 -31.61
N LEU A 109 0.28 43.90 -32.85
CA LEU A 109 -0.23 45.04 -33.61
C LEU A 109 -1.68 44.88 -34.09
N SER A 110 -2.13 43.63 -34.25
CA SER A 110 -3.53 43.35 -34.57
C SER A 110 -4.48 43.67 -33.40
N ILE A 111 -4.01 43.47 -32.17
CA ILE A 111 -4.79 43.77 -30.96
C ILE A 111 -4.95 45.28 -30.77
N ALA A 112 -3.94 46.06 -31.14
CA ALA A 112 -3.99 47.53 -31.07
C ALA A 112 -5.17 48.15 -31.83
N SER A 113 -5.49 47.57 -32.99
CA SER A 113 -6.67 47.99 -33.77
C SER A 113 -7.98 47.65 -33.05
N LEU A 114 -8.03 46.48 -32.42
CA LEU A 114 -9.19 46.05 -31.64
C LEU A 114 -9.41 46.89 -30.37
N ILE A 115 -8.32 47.37 -29.76
CA ILE A 115 -8.39 48.25 -28.59
C ILE A 115 -9.05 49.59 -28.94
N ILE A 116 -8.79 50.10 -30.14
CA ILE A 116 -9.39 51.35 -30.64
C ILE A 116 -10.91 51.18 -30.85
N TYR A 117 -11.31 50.00 -31.34
CA TYR A 117 -12.72 49.72 -31.62
C TYR A 117 -13.61 49.75 -30.36
N PHE A 118 -13.09 49.28 -29.23
CA PHE A 118 -13.83 49.30 -27.96
C PHE A 118 -14.11 50.74 -27.50
N ILE A 119 -13.11 51.61 -27.66
CA ILE A 119 -13.23 53.02 -27.28
C ILE A 119 -14.09 53.78 -28.30
N ASP A 120 -13.87 53.50 -29.59
CA ASP A 120 -14.60 54.17 -30.67
C ASP A 120 -16.09 53.82 -30.70
N ALA A 121 -16.41 52.55 -30.44
CA ALA A 121 -17.81 52.07 -30.40
C ALA A 121 -18.57 52.55 -29.17
N SER A 122 -17.89 52.55 -28.01
CA SER A 122 -18.52 52.95 -26.74
C SER A 122 -18.86 54.44 -26.65
N THR A 123 -17.98 55.28 -27.20
CA THR A 123 -18.16 56.74 -27.18
C THR A 123 -19.31 57.24 -28.07
N ASN A 124 -19.65 56.48 -29.11
CA ASN A 124 -20.75 56.83 -30.02
C ASN A 124 -22.12 56.72 -29.35
N SER A 135 -10.24 63.75 -39.26
CA SER A 135 -9.26 62.71 -39.00
C SER A 135 -8.58 62.93 -37.65
N SER A 136 -8.97 62.12 -36.66
CA SER A 136 -8.44 62.22 -35.30
C SER A 136 -7.04 61.60 -35.18
N THR A 137 -6.46 61.70 -33.98
CA THR A 137 -5.16 61.11 -33.69
C THR A 137 -5.17 59.56 -33.71
N THR A 138 -6.29 58.97 -33.28
CA THR A 138 -6.45 57.52 -33.26
C THR A 138 -6.58 56.91 -34.67
N GLN A 139 -7.21 57.65 -35.59
CA GLN A 139 -7.29 57.26 -37.00
C GLN A 139 -5.92 57.06 -37.66
N GLN A 140 -4.97 57.92 -37.31
CA GLN A 140 -3.61 57.87 -37.86
C GLN A 140 -2.81 56.66 -37.35
N VAL A 141 -3.03 56.32 -36.08
CA VAL A 141 -2.34 55.17 -35.45
C VAL A 141 -2.86 53.85 -36.02
N ASP A 142 -4.17 53.75 -36.23
CA ASP A 142 -4.79 52.54 -36.78
C ASP A 142 -4.35 52.24 -38.22
N LEU A 143 -4.19 53.29 -39.03
CA LEU A 143 -3.74 53.14 -40.41
C LEU A 143 -2.28 52.72 -40.53
N ALA A 144 -1.44 53.12 -39.56
CA ALA A 144 -0.02 52.72 -39.52
C ALA A 144 0.19 51.21 -39.40
N PHE A 145 -0.73 50.53 -38.72
CA PHE A 145 -0.71 49.07 -38.61
C PHE A 145 -1.16 48.41 -39.92
N ASN A 146 -2.17 49.00 -40.56
CA ASN A 146 -2.75 48.47 -41.80
C ASN A 146 -1.79 48.46 -43.01
N VAL A 147 -0.80 49.34 -43.01
CA VAL A 147 0.25 49.34 -44.03
C VAL A 147 1.17 48.13 -43.84
N PHE A 148 1.51 47.83 -42.59
CA PHE A 148 2.32 46.64 -42.25
C PHE A 148 1.60 45.32 -42.59
N PHE A 149 0.28 45.29 -42.44
CA PHE A 149 -0.51 44.11 -42.83
C PHE A 149 -0.64 43.97 -44.35
N MET A 150 -0.64 45.09 -45.07
CA MET A 150 -0.65 45.09 -46.55
C MET A 150 0.66 44.56 -47.15
N ILE A 151 1.80 45.02 -46.63
CA ILE A 151 3.11 44.53 -47.06
C ILE A 151 3.35 43.09 -46.59
N TYR A 152 2.81 42.74 -45.43
CA TYR A 152 2.79 41.34 -44.95
C TYR A 152 1.94 40.44 -45.87
N PHE A 153 0.82 40.98 -46.36
CA PHE A 153 -0.05 40.28 -47.32
C PHE A 153 0.67 40.01 -48.66
N PHE A 154 1.51 40.95 -49.10
CA PHE A 154 2.32 40.76 -50.32
C PHE A 154 3.40 39.67 -50.17
N ILE A 155 4.04 39.61 -49.00
CA ILE A 155 5.13 38.65 -48.77
C ILE A 155 4.61 37.20 -48.74
N ARG A 156 3.44 37.00 -48.12
CA ARG A 156 2.77 35.70 -48.14
C ARG A 156 2.32 35.29 -49.54
N PHE A 157 1.78 36.26 -50.29
CA PHE A 157 1.33 36.04 -51.67
C PHE A 157 2.45 35.57 -52.59
N VAL A 158 3.64 36.14 -52.41
CA VAL A 158 4.84 35.74 -53.15
C VAL A 158 5.38 34.40 -52.63
N ALA A 159 5.43 34.24 -51.30
CA ALA A 159 5.98 33.03 -50.67
C ALA A 159 5.14 31.78 -50.94
N ALA A 160 3.82 31.91 -50.81
CA ALA A 160 2.90 30.78 -51.01
C ALA A 160 2.76 30.41 -52.49
N ASN A 161 2.57 29.12 -52.75
CA ASN A 161 2.39 28.61 -54.12
C ASN A 161 1.00 28.92 -54.65
N ASP A 162 -0.01 28.84 -53.77
CA ASP A 162 -1.41 29.10 -54.14
C ASP A 162 -1.65 30.57 -54.45
N LYS A 163 -2.53 30.83 -55.41
CA LYS A 163 -2.92 32.18 -55.81
C LYS A 163 -4.43 32.37 -55.64
N LEU A 164 -5.23 31.56 -56.32
CA LEU A 164 -6.68 31.57 -56.17
C LEU A 164 -7.11 30.99 -54.83
N TRP A 165 -6.45 29.92 -54.40
CA TRP A 165 -6.62 29.35 -53.06
C TRP A 165 -6.18 30.32 -51.96
N PHE A 166 -5.09 31.05 -52.20
CA PHE A 166 -4.57 32.03 -51.24
C PHE A 166 -5.51 33.23 -51.04
N TRP A 167 -6.03 33.76 -52.14
CA TRP A 167 -6.93 34.92 -52.09
C TRP A 167 -8.28 34.64 -51.41
N VAL A 168 -8.68 33.37 -51.33
CA VAL A 168 -9.86 32.95 -50.57
C VAL A 168 -9.39 32.19 -49.31
N GLU A 169 -9.04 32.96 -48.27
CA GLU A 169 -8.63 32.42 -46.97
C GLU A 169 -9.22 33.24 -45.82
N LEU A 170 -9.10 32.72 -44.61
CA LEU A 170 -9.67 33.36 -43.41
C LEU A 170 -9.02 34.72 -43.13
N PHE A 171 -7.71 34.73 -43.04
CA PHE A 171 -6.94 35.95 -42.79
C PHE A 171 -6.87 36.88 -44.00
N SER A 172 -7.04 36.31 -45.20
CA SER A 172 -7.11 37.12 -46.43
C SER A 172 -8.42 37.92 -46.49
N PHE A 173 -9.53 37.28 -46.13
CA PHE A 173 -10.84 37.96 -46.03
C PHE A 173 -10.83 39.12 -45.02
N VAL A 174 -10.06 38.97 -43.94
CA VAL A 174 -9.90 40.04 -42.95
C VAL A 174 -9.25 41.28 -43.59
N ASP A 175 -8.22 41.05 -44.40
CA ASP A 175 -7.48 42.15 -45.05
C ASP A 175 -8.29 42.95 -46.06
N TYR A 176 -9.27 42.32 -46.72
CA TYR A 176 -10.08 43.00 -47.74
C TYR A 176 -11.11 43.94 -47.14
N PHE A 177 -11.67 43.57 -45.98
CA PHE A 177 -12.72 44.37 -45.33
C PHE A 177 -12.20 45.37 -44.30
N THR A 178 -11.08 45.06 -43.63
CA THR A 178 -10.54 45.94 -42.59
C THR A 178 -9.77 47.14 -43.15
N ILE A 179 -8.84 46.87 -44.07
CA ILE A 179 -7.84 47.86 -44.48
C ILE A 179 -8.38 48.99 -45.37
N PRO A 180 -9.03 48.66 -46.52
CA PRO A 180 -9.43 49.73 -47.45
C PRO A 180 -10.35 50.83 -46.89
N PRO A 181 -11.33 50.47 -46.02
CA PRO A 181 -12.13 51.53 -45.37
C PRO A 181 -11.37 52.47 -44.43
N SER A 182 -10.30 51.99 -43.79
CA SER A 182 -9.47 52.83 -42.92
C SER A 182 -8.71 53.90 -43.73
N PHE A 183 -8.24 53.53 -44.91
CA PHE A 183 -7.68 54.49 -45.87
C PHE A 183 -8.75 55.48 -46.37
N VAL A 184 -9.93 54.96 -46.69
CA VAL A 184 -11.06 55.77 -47.17
C VAL A 184 -11.60 56.71 -46.07
N ALA A 185 -11.51 56.29 -44.81
CA ALA A 185 -11.95 57.11 -43.67
C ALA A 185 -11.17 58.42 -43.55
N ILE A 186 -9.85 58.33 -43.67
CA ILE A 186 -8.98 59.51 -43.64
C ILE A 186 -9.05 60.28 -44.98
N TYR A 187 -9.30 59.57 -46.07
CA TYR A 187 -9.48 60.17 -47.40
C TYR A 187 -10.74 61.04 -47.46
N LEU A 188 -11.87 60.46 -47.08
CA LEU A 188 -13.14 61.20 -46.99
C LEU A 188 -13.19 62.18 -45.81
N ASP A 189 -12.42 61.88 -44.76
CA ASP A 189 -12.41 62.65 -43.50
C ASP A 189 -13.75 62.51 -42.77
N ARG A 190 -14.23 61.27 -42.67
CA ARG A 190 -15.46 60.93 -41.96
C ARG A 190 -15.32 59.50 -41.43
N ASN A 191 -15.38 59.36 -40.10
CA ASN A 191 -15.09 58.08 -39.45
C ASN A 191 -16.23 57.07 -39.57
N TRP A 192 -15.87 55.79 -39.55
CA TRP A 192 -16.83 54.69 -39.57
C TRP A 192 -16.32 53.56 -38.67
N LEU A 193 -17.23 52.89 -37.98
CA LEU A 193 -16.89 51.75 -37.11
C LEU A 193 -16.37 50.60 -37.96
N GLY A 194 -17.17 50.20 -38.95
CA GLY A 194 -16.78 49.20 -39.92
C GLY A 194 -16.66 47.81 -39.32
N LEU A 195 -15.56 47.13 -39.63
CA LEU A 195 -15.34 45.74 -39.21
C LEU A 195 -13.96 45.56 -38.57
N ARG A 196 -13.60 46.48 -37.69
CA ARG A 196 -12.34 46.41 -36.93
C ARG A 196 -12.36 45.28 -35.90
N PHE A 197 -13.56 44.93 -35.43
CA PHE A 197 -13.75 43.76 -34.55
C PHE A 197 -13.24 42.44 -35.12
N LEU A 198 -13.19 42.32 -36.45
CA LEU A 198 -12.64 41.13 -37.11
C LEU A 198 -11.16 40.84 -36.81
N ARG A 199 -10.41 41.86 -36.38
CA ARG A 199 -9.04 41.68 -35.89
C ARG A 199 -8.93 40.79 -34.64
N ALA A 200 -10.04 40.60 -33.93
CA ALA A 200 -10.12 39.60 -32.85
C ALA A 200 -9.87 38.16 -33.32
N LEU A 201 -10.09 37.88 -34.60
CA LEU A 201 -9.76 36.57 -35.19
C LEU A 201 -8.27 36.24 -35.14
N ARG A 202 -7.42 37.27 -35.19
CA ARG A 202 -5.96 37.09 -35.10
C ARG A 202 -5.44 36.77 -33.69
N LEU A 203 -6.33 36.76 -32.69
CA LEU A 203 -6.02 36.19 -31.37
C LEU A 203 -5.79 34.68 -31.41
N MET A 204 -6.35 34.00 -32.41
CA MET A 204 -6.23 32.54 -32.56
C MET A 204 -4.81 31.96 -32.69
N SER A 205 -3.81 32.83 -32.89
CA SER A 205 -2.40 32.43 -32.91
C SER A 205 -1.71 32.39 -31.53
N ILE A 206 -2.48 32.36 -30.43
CA ILE A 206 -1.91 32.28 -29.08
C ILE A 206 -1.32 30.89 -28.76
N PRO A 207 -2.06 29.80 -29.06
CA PRO A 207 -1.49 28.45 -28.88
C PRO A 207 -0.19 28.18 -29.67
N ASP A 208 -0.05 28.78 -30.85
CA ASP A 208 1.16 28.65 -31.67
C ASP A 208 2.39 29.30 -31.05
N ILE A 209 2.20 30.44 -30.38
CA ILE A 209 3.28 31.16 -29.69
C ILE A 209 3.74 30.40 -28.43
N LEU A 210 2.78 29.91 -27.65
CA LEU A 210 3.06 29.25 -26.37
C LEU A 210 3.66 27.86 -26.52
N THR A 211 3.20 27.09 -27.52
CA THR A 211 3.76 25.76 -27.81
C THR A 211 5.19 25.83 -28.36
N TYR A 212 5.51 26.90 -29.09
CA TYR A 212 6.88 27.17 -29.54
C TYR A 212 7.75 27.64 -28.36
N LEU A 213 7.19 28.50 -27.51
CA LEU A 213 7.84 28.97 -26.28
C LEU A 213 8.00 27.87 -25.22
N ASN A 214 7.16 26.84 -25.29
CA ASN A 214 7.17 25.69 -24.36
C ASN A 214 6.75 26.04 -22.93
N VAL A 215 5.66 26.79 -22.83
CA VAL A 215 4.92 26.95 -21.57
C VAL A 215 3.91 25.80 -21.53
N LEU A 216 3.15 25.68 -22.60
CA LEU A 216 2.30 24.50 -22.85
C LEU A 216 3.17 23.36 -23.34
N LYS A 217 2.85 22.14 -22.90
CA LYS A 217 3.64 20.94 -23.22
C LYS A 217 2.78 19.69 -23.46
N THR A 218 2.00 19.31 -22.45
CA THR A 218 1.12 18.13 -22.53
C THR A 218 -0.04 18.34 -23.50
N SER A 219 -0.59 17.23 -23.98
CA SER A 219 -1.69 17.24 -24.95
C SER A 219 -3.00 17.80 -24.39
N THR A 220 -3.23 17.61 -23.09
CA THR A 220 -4.45 18.08 -22.42
C THR A 220 -4.51 19.60 -22.32
N LEU A 221 -3.40 20.23 -21.93
CA LEU A 221 -3.34 21.69 -21.76
C LEU A 221 -3.41 22.46 -23.09
N ILE A 222 -2.80 21.89 -24.14
CA ILE A 222 -2.78 22.55 -25.47
C ILE A 222 -4.17 22.56 -26.10
N ARG A 223 -4.87 21.44 -26.00
CA ARG A 223 -6.24 21.31 -26.54
C ARG A 223 -7.23 22.21 -25.79
N LEU A 224 -7.03 22.36 -24.48
CA LEU A 224 -7.87 23.23 -23.65
C LEU A 224 -7.66 24.70 -23.98
N VAL A 225 -6.39 25.12 -24.08
CA VAL A 225 -6.02 26.50 -24.42
C VAL A 225 -6.48 26.90 -25.84
N GLN A 226 -6.47 25.93 -26.76
CA GLN A 226 -6.94 26.16 -28.13
C GLN A 226 -8.43 26.56 -28.18
N LEU A 227 -9.26 25.83 -27.41
CA LEU A 227 -10.70 26.09 -27.36
C LEU A 227 -11.09 27.37 -26.59
N VAL A 228 -10.19 27.85 -25.72
CA VAL A 228 -10.43 29.08 -24.95
C VAL A 228 -10.51 30.31 -25.87
N VAL A 229 -9.61 30.39 -26.84
CA VAL A 229 -9.50 31.56 -27.72
C VAL A 229 -10.66 31.62 -28.71
N SER A 230 -10.97 30.48 -29.33
CA SER A 230 -12.07 30.36 -30.30
C SER A 230 -13.43 30.81 -29.76
N PHE A 231 -13.68 30.52 -28.48
CA PHE A 231 -14.90 30.93 -27.79
C PHE A 231 -15.03 32.46 -27.71
N VAL A 232 -13.96 33.11 -27.25
CA VAL A 232 -13.96 34.55 -27.00
C VAL A 232 -13.99 35.35 -28.31
N SER A 233 -13.19 34.93 -29.28
CA SER A 233 -13.13 35.58 -30.59
C SER A 233 -14.47 35.56 -31.30
N LEU A 234 -15.08 34.38 -31.36
CA LEU A 234 -16.42 34.22 -31.95
C LEU A 234 -17.50 35.01 -31.19
N TRP A 235 -17.37 35.07 -29.86
CA TRP A 235 -18.28 35.85 -29.02
C TRP A 235 -18.15 37.36 -29.27
N LEU A 236 -16.90 37.83 -29.39
CA LEU A 236 -16.63 39.25 -29.66
C LEU A 236 -17.02 39.66 -31.07
N THR A 237 -16.67 38.84 -32.06
CA THR A 237 -16.95 39.14 -33.47
C THR A 237 -18.45 39.10 -33.80
N ALA A 238 -19.16 38.15 -33.20
CA ALA A 238 -20.61 38.04 -33.37
C ALA A 238 -21.36 39.26 -32.83
N ALA A 239 -20.85 39.83 -31.74
CA ALA A 239 -21.41 41.06 -31.16
C ALA A 239 -21.33 42.23 -32.12
N GLY A 240 -20.15 42.42 -32.73
CA GLY A 240 -19.95 43.44 -33.75
C GLY A 240 -20.81 43.25 -34.99
N PHE A 241 -21.12 42.00 -35.32
CA PHE A 241 -22.03 41.67 -36.42
C PHE A 241 -23.44 42.16 -36.11
N LEU A 242 -23.92 41.88 -34.91
CA LEU A 242 -25.21 42.41 -34.43
C LEU A 242 -25.19 43.93 -34.28
N HIS A 243 -24.08 44.45 -33.76
CA HIS A 243 -23.88 45.90 -33.60
C HIS A 243 -24.03 46.67 -34.92
N LEU A 244 -23.62 46.04 -36.02
CA LEU A 244 -23.83 46.58 -37.36
C LEU A 244 -25.30 46.52 -37.76
N LEU A 245 -25.89 45.33 -37.65
CA LEU A 245 -27.26 45.09 -38.14
C LEU A 245 -28.36 45.78 -37.33
N GLU A 246 -28.23 45.75 -36.00
CA GLU A 246 -29.23 46.35 -35.11
C GLU A 246 -29.30 47.87 -35.25
N ASN A 247 -28.14 48.51 -35.28
CA ASN A 247 -28.05 49.97 -35.35
C ASN A 247 -28.36 50.54 -36.73
N SER A 248 -28.03 49.79 -37.79
CA SER A 248 -28.29 50.24 -39.17
C SER A 248 -29.77 50.20 -39.51
N GLY A 249 -30.39 49.04 -39.33
CA GLY A 249 -31.79 48.81 -39.67
C GLY A 249 -31.91 47.74 -40.73
N ASP A 250 -32.50 48.08 -41.87
CA ASP A 250 -32.66 47.14 -42.99
C ASP A 250 -33.05 47.83 -44.31
N PRO A 251 -32.70 47.22 -45.46
CA PRO A 251 -33.08 47.77 -46.77
C PRO A 251 -34.49 47.37 -47.26
N PHE A 252 -35.15 46.44 -46.57
CA PHE A 252 -36.50 46.00 -46.95
C PHE A 252 -37.56 46.99 -46.48
N PHE A 253 -37.46 47.41 -45.21
CA PHE A 253 -38.29 48.50 -44.66
C PHE A 253 -37.75 49.90 -44.99
N ASP A 254 -36.55 49.97 -45.58
CA ASP A 254 -35.89 51.21 -46.00
C ASP A 254 -35.45 52.07 -44.81
N PHE A 255 -34.78 51.43 -43.86
CA PHE A 255 -34.19 52.08 -42.69
C PHE A 255 -35.20 52.86 -41.83
N GLY A 256 -36.37 52.26 -41.63
CA GLY A 256 -37.41 52.83 -40.77
C GLY A 256 -37.10 52.55 -39.31
N ASN A 257 -37.00 51.27 -38.98
CA ASN A 257 -36.63 50.81 -37.64
C ASN A 257 -35.11 50.68 -37.49
N ALA A 258 -34.59 51.14 -36.36
CA ALA A 258 -33.14 51.08 -36.08
C ALA A 258 -32.87 51.36 -34.60
N GLN A 259 -32.95 50.30 -33.78
CA GLN A 259 -32.70 50.41 -32.34
C GLN A 259 -31.21 50.55 -32.05
N HIS A 260 -30.87 51.44 -31.11
CA HIS A 260 -29.48 51.80 -30.80
C HIS A 260 -28.98 50.99 -29.61
N LEU A 261 -27.93 50.20 -29.82
CA LEU A 261 -27.31 49.39 -28.77
C LEU A 261 -25.79 49.49 -28.85
N THR A 262 -25.14 49.60 -27.69
CA THR A 262 -23.69 49.64 -27.61
C THR A 262 -23.08 48.25 -27.77
N TYR A 263 -21.79 48.21 -28.06
CA TYR A 263 -21.05 46.96 -28.20
C TYR A 263 -20.97 46.18 -26.89
N TRP A 264 -20.82 46.90 -25.78
CA TRP A 264 -20.76 46.29 -24.45
C TRP A 264 -22.10 45.67 -24.03
N GLU A 265 -23.20 46.32 -24.38
CA GLU A 265 -24.55 45.84 -24.09
C GLU A 265 -25.19 45.03 -25.24
N CYS A 266 -24.35 44.51 -26.15
CA CYS A 266 -24.75 43.50 -27.13
C CYS A 266 -24.24 42.09 -26.79
N LEU A 267 -23.07 42.00 -26.14
CA LEU A 267 -22.56 40.72 -25.63
C LEU A 267 -23.50 40.11 -24.59
N TYR A 268 -24.09 40.95 -23.75
CA TYR A 268 -25.12 40.56 -22.79
C TYR A 268 -26.29 39.86 -23.47
N PHE A 269 -26.71 40.35 -24.63
CA PHE A 269 -27.75 39.72 -25.43
C PHE A 269 -27.30 38.37 -26.02
N LEU A 270 -26.08 38.31 -26.53
CA LEU A 270 -25.55 37.07 -27.12
C LEU A 270 -25.29 35.99 -26.09
N MET A 271 -24.59 36.34 -25.01
CA MET A 271 -24.22 35.36 -23.96
C MET A 271 -25.42 34.71 -23.29
N VAL A 272 -26.51 35.46 -23.14
CA VAL A 272 -27.76 34.94 -22.60
C VAL A 272 -28.40 33.92 -23.55
N THR A 273 -28.48 34.27 -24.84
CA THR A 273 -28.98 33.36 -25.88
C THR A 273 -28.03 32.18 -26.15
N MET A 274 -26.74 32.43 -25.95
CA MET A 274 -25.71 31.39 -26.01
C MET A 274 -25.91 30.38 -24.89
N SER A 275 -26.23 30.88 -23.69
CA SER A 275 -26.43 30.05 -22.50
C SER A 275 -27.79 29.35 -22.40
N THR A 276 -28.71 29.62 -23.34
CA THR A 276 -30.08 29.06 -23.35
C THR A 276 -30.90 29.44 -22.12
N VAL A 277 -30.68 30.67 -21.64
CA VAL A 277 -31.38 31.21 -20.48
C VAL A 277 -32.65 31.89 -20.98
N GLY A 278 -32.49 32.88 -21.85
CA GLY A 278 -33.61 33.62 -22.44
C GLY A 278 -34.32 34.51 -21.45
N PHE A 279 -33.77 35.71 -21.24
CA PHE A 279 -34.38 36.70 -20.35
C PHE A 279 -35.54 37.40 -21.05
N GLY A 280 -35.25 37.97 -22.22
CA GLY A 280 -36.18 38.84 -22.93
C GLY A 280 -36.16 40.26 -22.39
N ASP A 281 -34.98 40.71 -21.98
CA ASP A 281 -34.76 42.06 -21.49
C ASP A 281 -34.34 42.95 -22.66
N ILE A 282 -33.32 42.48 -23.39
CA ILE A 282 -32.91 43.07 -24.66
C ILE A 282 -33.25 42.07 -25.77
N PHE A 283 -33.68 42.59 -26.91
CA PHE A 283 -34.10 41.74 -28.04
C PHE A 283 -33.94 42.46 -29.38
N ALA A 284 -33.89 41.66 -30.45
CA ALA A 284 -33.74 42.17 -31.81
C ALA A 284 -35.10 42.39 -32.46
N THR A 285 -35.45 43.66 -32.65
CA THR A 285 -36.67 44.04 -33.38
C THR A 285 -36.49 43.96 -34.90
N THR A 286 -35.26 44.18 -35.37
CA THR A 286 -34.95 44.13 -36.81
C THR A 286 -35.05 42.72 -37.36
N VAL A 287 -35.44 42.61 -38.63
CA VAL A 287 -35.61 41.32 -39.30
C VAL A 287 -34.26 40.69 -39.62
N LEU A 288 -33.28 41.53 -39.99
CA LEU A 288 -31.92 41.07 -40.27
C LEU A 288 -31.19 40.58 -39.02
N GLY A 289 -31.50 41.19 -37.87
CA GLY A 289 -30.95 40.76 -36.59
C GLY A 289 -31.46 39.41 -36.14
N ARG A 290 -32.77 39.24 -36.18
CA ARG A 290 -33.43 37.98 -35.77
C ARG A 290 -32.96 36.76 -36.58
N THR A 291 -32.72 36.97 -37.87
CA THR A 291 -32.20 35.91 -38.73
C THR A 291 -30.79 35.47 -38.30
N PHE A 292 -29.93 36.44 -38.02
CA PHE A 292 -28.59 36.17 -37.49
C PHE A 292 -28.64 35.47 -36.13
N VAL A 293 -29.60 35.86 -35.30
CA VAL A 293 -29.78 35.23 -33.98
C VAL A 293 -30.17 33.76 -34.10
N VAL A 294 -31.11 33.46 -34.99
CA VAL A 294 -31.52 32.07 -35.25
C VAL A 294 -30.36 31.29 -35.85
N ILE A 295 -29.63 31.91 -36.77
CA ILE A 295 -28.41 31.32 -37.34
C ILE A 295 -27.37 31.04 -36.26
N PHE A 296 -27.15 32.02 -35.38
CA PHE A 296 -26.17 31.88 -34.30
C PHE A 296 -26.54 30.80 -33.29
N ILE A 297 -27.84 30.71 -32.98
CA ILE A 297 -28.37 29.64 -32.12
C ILE A 297 -28.22 28.28 -32.82
N MET A 298 -28.51 28.22 -34.12
CA MET A 298 -28.32 27.01 -34.92
C MET A 298 -26.85 26.60 -35.02
N ILE A 299 -25.95 27.59 -35.14
CA ILE A 299 -24.51 27.34 -35.19
C ILE A 299 -23.97 26.87 -33.83
N PHE A 300 -24.29 27.63 -32.78
CA PHE A 300 -23.68 27.41 -31.47
C PHE A 300 -24.06 26.07 -30.82
N ILE A 301 -25.30 25.63 -31.00
CA ILE A 301 -25.75 24.34 -30.47
C ILE A 301 -24.99 23.20 -31.15
N GLY A 302 -24.87 23.26 -32.48
CA GLY A 302 -24.10 22.28 -33.24
C GLY A 302 -22.60 22.34 -33.03
N LEU A 303 -22.06 23.55 -32.91
CA LEU A 303 -20.63 23.76 -32.72
C LEU A 303 -20.16 23.37 -31.32
N PHE A 304 -20.83 23.91 -30.31
CA PHE A 304 -20.40 23.74 -28.91
C PHE A 304 -20.61 22.33 -28.39
N ALA A 305 -21.73 21.70 -28.75
CA ALA A 305 -22.05 20.34 -28.32
C ALA A 305 -21.12 19.27 -28.89
N SER A 306 -20.50 19.54 -30.05
CA SER A 306 -19.51 18.63 -30.63
C SER A 306 -18.19 18.60 -29.85
N PHE A 307 -17.80 19.74 -29.27
CA PHE A 307 -16.54 19.86 -28.52
C PHE A 307 -16.62 19.47 -27.04
N ILE A 308 -17.81 19.50 -26.44
CA ILE A 308 -17.99 19.11 -25.02
C ILE A 308 -17.47 17.69 -24.71
N PRO A 309 -17.72 16.70 -25.60
CA PRO A 309 -17.07 15.38 -25.45
C PRO A 309 -15.54 15.46 -25.37
N GLU A 310 -14.93 16.25 -26.24
CA GLU A 310 -13.46 16.43 -26.26
C GLU A 310 -12.96 17.32 -25.11
N ILE A 311 -13.80 18.23 -24.62
CA ILE A 311 -13.51 19.00 -23.40
C ILE A 311 -13.62 18.11 -22.16
N ALA A 312 -14.61 17.21 -22.15
CA ALA A 312 -14.84 16.29 -21.03
C ALA A 312 -13.69 15.28 -20.83
N GLU A 313 -13.09 14.84 -21.93
CA GLU A 313 -11.92 13.95 -21.88
C GLU A 313 -10.66 14.64 -21.31
N ILE A 314 -10.54 15.96 -21.53
CA ILE A 314 -9.42 16.74 -20.99
C ILE A 314 -9.57 16.91 -19.47
N LEU A 315 -10.71 17.45 -19.05
CA LEU A 315 -10.98 17.69 -17.63
C LEU A 315 -11.25 16.41 -16.83
N GLY A 316 -11.85 15.41 -17.47
CA GLY A 316 -12.16 14.13 -16.83
C GLY A 316 -10.93 13.28 -16.59
N LYS A 317 -10.14 13.06 -17.64
CA LYS A 317 -8.93 12.25 -17.56
C LYS A 317 -7.81 13.01 -16.84
N ARG A 318 -7.70 12.79 -15.53
CA ARG A 318 -6.68 13.43 -14.69
C ARG A 318 -6.38 12.55 -13.47
N GLN A 319 -5.16 12.67 -12.95
CA GLN A 319 -4.77 11.94 -11.74
C GLN A 319 -5.52 12.49 -10.53
N LYS A 320 -6.34 11.66 -9.91
CA LYS A 320 -7.20 12.08 -8.78
C LYS A 320 -6.38 12.53 -7.58
N TYR A 321 -5.49 11.64 -7.11
CA TYR A 321 -4.54 11.96 -6.05
C TYR A 321 -3.24 12.46 -6.66
N GLY A 322 -2.34 12.94 -5.81
CA GLY A 322 -1.02 13.42 -6.24
C GLY A 322 -0.46 14.47 -5.30
N GLY A 323 0.34 15.38 -5.87
CA GLY A 323 0.93 16.47 -5.11
C GLY A 323 2.11 16.01 -4.27
N SER A 324 2.12 16.41 -3.00
CA SER A 324 3.21 16.07 -2.09
C SER A 324 2.77 16.14 -0.63
N TYR A 325 3.57 15.51 0.23
CA TYR A 325 3.30 15.45 1.67
C TYR A 325 3.72 16.76 2.34
N LYS A 326 2.85 17.28 3.21
CA LYS A 326 3.13 18.47 4.02
C LYS A 326 3.50 18.05 5.44
N LYS A 327 4.77 18.22 5.79
CA LYS A 327 5.30 17.78 7.09
C LYS A 327 5.24 18.92 8.11
N GLU A 328 4.56 18.67 9.23
CA GLU A 328 4.55 19.59 10.36
C GLU A 328 5.87 19.49 11.13
N ARG A 329 6.20 20.55 11.86
CA ARG A 329 7.46 20.61 12.62
C ARG A 329 7.42 19.68 13.83
N GLY A 330 8.29 18.67 13.83
CA GLY A 330 8.36 17.70 14.92
C GLY A 330 7.23 16.68 14.88
N LYS A 331 7.04 16.06 13.71
CA LYS A 331 6.02 15.04 13.50
C LYS A 331 6.59 13.91 12.63
N ARG A 332 6.71 12.72 13.21
CA ARG A 332 7.24 11.55 12.49
C ARG A 332 6.18 10.99 11.55
N HIS A 333 6.63 10.35 10.47
CA HIS A 333 5.75 9.68 9.52
C HIS A 333 6.44 8.51 8.83
N VAL A 334 5.65 7.47 8.52
CA VAL A 334 6.15 6.21 7.95
C VAL A 334 5.50 5.98 6.59
N VAL A 335 6.28 5.42 5.66
CA VAL A 335 5.81 5.10 4.31
C VAL A 335 5.41 3.63 4.23
N VAL A 336 4.42 3.33 3.39
CA VAL A 336 3.97 1.97 3.11
C VAL A 336 4.02 1.73 1.60
N CYS A 337 4.48 0.55 1.20
CA CYS A 337 4.71 0.22 -0.20
C CYS A 337 4.09 -1.13 -0.59
N GLY A 338 4.10 -1.40 -1.88
CA GLY A 338 3.74 -2.71 -2.41
C GLY A 338 2.26 -3.02 -2.41
N TYR A 339 1.91 -4.25 -2.03
CA TYR A 339 0.54 -4.76 -2.15
C TYR A 339 -0.39 -4.08 -1.15
N ILE A 340 -1.04 -3.02 -1.62
CA ILE A 340 -1.95 -2.20 -0.80
C ILE A 340 -3.38 -2.47 -1.26
N THR A 341 -4.12 -3.21 -0.44
CA THR A 341 -5.52 -3.57 -0.72
C THR A 341 -6.30 -3.59 0.60
N PHE A 342 -7.62 -3.39 0.52
CA PHE A 342 -8.53 -3.39 1.68
C PHE A 342 -8.20 -4.45 2.73
N ASP A 343 -7.99 -5.69 2.29
CA ASP A 343 -7.74 -6.82 3.19
C ASP A 343 -6.42 -6.71 3.95
N SER A 344 -5.36 -6.30 3.25
CA SER A 344 -4.03 -6.13 3.86
C SER A 344 -3.99 -4.92 4.80
N VAL A 345 -4.56 -3.80 4.35
CA VAL A 345 -4.48 -2.53 5.08
C VAL A 345 -5.35 -2.52 6.34
N SER A 346 -6.58 -3.03 6.22
CA SER A 346 -7.53 -3.06 7.35
C SER A 346 -6.96 -3.72 8.60
N ASN A 347 -6.25 -4.83 8.40
CA ASN A 347 -5.54 -5.51 9.49
C ASN A 347 -4.39 -4.66 10.04
N PHE A 348 -3.63 -4.06 9.12
CA PHE A 348 -2.47 -3.24 9.47
C PHE A 348 -2.83 -2.00 10.28
N LEU A 349 -3.83 -1.25 9.83
CA LEU A 349 -4.23 0.00 10.48
C LEU A 349 -4.77 -0.19 11.90
N LYS A 350 -5.45 -1.31 12.15
CA LYS A 350 -6.00 -1.61 13.48
C LYS A 350 -4.91 -1.77 14.54
N ASP A 351 -3.85 -2.51 14.20
CA ASP A 351 -2.73 -2.73 15.13
C ASP A 351 -1.71 -1.57 15.16
N PHE A 352 -1.75 -0.69 14.15
CA PHE A 352 -0.93 0.54 14.16
C PHE A 352 -1.65 1.65 14.93
N LEU A 353 -2.93 1.85 14.62
CA LEU A 353 -3.75 2.89 15.22
C LEU A 353 -4.79 2.30 16.17
N HIS A 354 -4.33 1.48 17.11
CA HIS A 354 -5.22 0.90 18.14
C HIS A 354 -5.48 1.96 19.20
N LYS A 355 -6.71 1.99 19.71
CA LYS A 355 -7.13 3.02 20.66
C LYS A 355 -6.37 2.93 21.99
N ASP A 356 -6.20 1.72 22.49
CA ASP A 356 -5.45 1.47 23.71
C ASP A 356 -3.94 1.50 23.42
N ARG A 357 -3.40 2.70 23.26
CA ARG A 357 -1.99 2.89 22.91
C ARG A 357 -1.51 4.32 23.23
N GLU A 358 -0.71 4.45 24.28
CA GLU A 358 -0.16 5.76 24.70
C GLU A 358 1.14 6.07 23.95
N ASP A 359 1.00 6.64 22.76
CA ASP A 359 2.15 7.10 21.96
C ASP A 359 1.67 8.11 20.92
N VAL A 360 2.62 8.89 20.38
CA VAL A 360 2.33 9.89 19.35
C VAL A 360 1.73 9.25 18.09
N ASP A 361 0.74 9.92 17.51
CA ASP A 361 0.08 9.45 16.31
C ASP A 361 0.98 9.71 15.10
N VAL A 362 1.88 8.76 14.86
CA VAL A 362 2.80 8.81 13.72
C VAL A 362 1.97 8.59 12.45
N GLU A 363 2.07 9.54 11.52
CA GLU A 363 1.14 9.62 10.39
C GLU A 363 1.56 8.64 9.29
N ILE A 364 0.68 7.71 8.95
CA ILE A 364 0.96 6.70 7.91
C ILE A 364 0.81 7.34 6.52
N VAL A 365 1.68 6.94 5.60
CA VAL A 365 1.70 7.48 4.24
C VAL A 365 1.75 6.33 3.21
N PHE A 366 0.59 5.99 2.66
CA PHE A 366 0.52 4.98 1.61
C PHE A 366 1.00 5.57 0.29
N LEU A 367 1.68 4.76 -0.52
CA LEU A 367 2.21 5.18 -1.82
C LEU A 367 2.13 4.04 -2.84
N HIS A 368 0.91 3.84 -3.35
CA HIS A 368 0.61 2.80 -4.33
C HIS A 368 0.49 3.45 -5.70
N LYS A 369 0.73 2.67 -6.76
CA LYS A 369 0.67 3.19 -8.12
C LYS A 369 -0.77 3.40 -8.57
N GLY A 370 -1.55 2.31 -8.58
CA GLY A 370 -2.95 2.36 -9.03
C GLY A 370 -3.89 3.11 -8.10
N LEU A 371 -5.07 3.44 -8.62
CA LEU A 371 -6.11 4.14 -7.88
C LEU A 371 -6.82 3.16 -6.93
N PRO A 372 -7.09 3.58 -5.68
CA PRO A 372 -7.67 2.64 -4.71
C PRO A 372 -9.16 2.36 -4.95
N GLY A 373 -9.63 1.23 -4.44
CA GLY A 373 -11.01 0.79 -4.63
C GLY A 373 -12.03 1.58 -3.82
N LEU A 374 -13.31 1.29 -4.05
CA LEU A 374 -14.41 2.01 -3.40
C LEU A 374 -14.53 1.68 -1.90
N GLU A 375 -14.20 0.45 -1.53
CA GLU A 375 -14.20 0.03 -0.13
C GLU A 375 -13.07 0.71 0.65
N LEU A 376 -11.87 0.70 0.07
CA LEU A 376 -10.68 1.28 0.70
C LEU A 376 -10.73 2.81 0.80
N GLU A 377 -11.26 3.46 -0.25
CA GLU A 377 -11.37 4.92 -0.29
C GLU A 377 -12.12 5.52 0.91
N GLY A 378 -13.17 4.83 1.34
CA GLY A 378 -13.90 5.19 2.55
C GLY A 378 -13.10 4.95 3.83
N LEU A 379 -12.41 3.82 3.88
CA LEU A 379 -11.59 3.45 5.05
C LEU A 379 -10.40 4.39 5.26
N LEU A 380 -9.82 4.88 4.16
CA LEU A 380 -8.78 5.92 4.22
C LEU A 380 -9.35 7.26 4.67
N LYS A 381 -10.54 7.60 4.16
CA LYS A 381 -11.24 8.84 4.53
C LYS A 381 -11.83 8.79 5.95
N ARG A 382 -12.07 7.59 6.47
CA ARG A 382 -12.57 7.41 7.84
C ARG A 382 -11.48 7.77 8.86
N HIS A 383 -10.30 7.19 8.69
CA HIS A 383 -9.11 7.57 9.46
C HIS A 383 -8.45 8.75 8.74
N PHE A 384 -9.07 9.91 8.86
CA PHE A 384 -8.70 11.09 8.08
C PHE A 384 -7.43 11.77 8.57
N THR A 385 -7.37 12.03 9.87
CA THR A 385 -6.29 12.81 10.47
C THR A 385 -4.94 12.07 10.53
N GLN A 386 -4.99 10.73 10.57
CA GLN A 386 -3.80 9.91 10.81
C GLN A 386 -3.18 9.28 9.55
N VAL A 387 -3.89 9.33 8.41
CA VAL A 387 -3.47 8.64 7.18
C VAL A 387 -3.53 9.58 5.97
N GLU A 388 -2.56 9.43 5.07
CA GLU A 388 -2.55 10.12 3.78
C GLU A 388 -2.19 9.15 2.66
N TYR A 389 -2.74 9.39 1.47
CA TYR A 389 -2.56 8.54 0.30
C TYR A 389 -1.97 9.36 -0.85
N PHE A 390 -1.19 8.69 -1.70
CA PHE A 390 -0.61 9.31 -2.89
C PHE A 390 -0.61 8.34 -4.07
N TRP A 391 -0.62 8.90 -5.28
CA TRP A 391 -0.57 8.13 -6.52
C TRP A 391 0.87 8.16 -7.03
N GLY A 392 1.54 7.00 -7.01
CA GLY A 392 2.92 6.88 -7.46
C GLY A 392 3.64 5.63 -6.98
N SER A 393 4.65 5.23 -7.74
CA SER A 393 5.48 4.05 -7.43
C SER A 393 6.63 4.43 -6.50
N VAL A 394 7.45 3.44 -6.13
CA VAL A 394 8.62 3.64 -5.26
C VAL A 394 9.93 3.62 -6.06
N MET A 395 9.84 3.57 -7.39
CA MET A 395 11.01 3.48 -8.26
C MET A 395 11.50 4.85 -8.71
N ASP A 396 10.57 5.74 -9.07
CA ASP A 396 10.90 7.08 -9.55
C ASP A 396 11.38 7.97 -8.41
N ALA A 397 12.49 8.67 -8.63
CA ALA A 397 13.07 9.58 -7.63
C ALA A 397 12.18 10.80 -7.35
N ASN A 398 11.36 11.19 -8.34
CA ASN A 398 10.36 12.25 -8.17
C ASN A 398 9.27 11.85 -7.17
N ASP A 399 8.87 10.58 -7.20
CA ASP A 399 7.87 10.05 -6.27
C ASP A 399 8.39 9.88 -4.83
N LEU A 400 9.70 9.73 -4.66
CA LEU A 400 10.31 9.64 -3.33
C LEU A 400 10.51 11.02 -2.71
N GLU A 401 11.02 11.96 -3.50
CA GLU A 401 11.31 13.33 -3.05
C GLU A 401 10.07 14.11 -2.60
N ARG A 402 8.92 13.82 -3.20
CA ARG A 402 7.65 14.42 -2.77
C ARG A 402 7.21 13.99 -1.36
N VAL A 403 7.45 12.73 -1.01
CA VAL A 403 7.08 12.18 0.31
C VAL A 403 8.09 12.57 1.40
N LYS A 404 9.31 12.95 1.00
CA LYS A 404 10.37 13.39 1.90
C LYS A 404 10.86 12.23 2.78
N ILE A 405 11.33 11.19 2.09
CA ILE A 405 11.71 9.94 2.73
C ILE A 405 13.04 10.07 3.49
N GLN A 406 13.92 10.96 3.03
CA GLN A 406 15.13 11.30 3.78
C GLN A 406 14.79 11.87 5.16
N GLU A 407 13.81 12.77 5.20
CA GLU A 407 13.31 13.35 6.45
C GLU A 407 12.45 12.37 7.27
N ALA A 408 11.72 11.48 6.57
CA ALA A 408 10.84 10.49 7.22
C ALA A 408 11.59 9.50 8.10
N ASP A 409 10.85 8.84 8.99
CA ASP A 409 11.44 7.92 9.97
C ASP A 409 11.73 6.56 9.34
N ALA A 410 10.68 5.87 8.90
CA ALA A 410 10.78 4.48 8.47
C ALA A 410 10.01 4.20 7.18
N CYS A 411 10.20 2.99 6.65
CA CYS A 411 9.51 2.53 5.45
C CYS A 411 9.17 1.04 5.53
N LEU A 412 8.00 0.66 5.01
CA LEU A 412 7.50 -0.71 5.04
C LEU A 412 7.17 -1.21 3.65
N VAL A 413 7.17 -2.54 3.49
CA VAL A 413 6.88 -3.19 2.22
C VAL A 413 5.97 -4.40 2.46
N LEU A 414 4.66 -4.17 2.35
CA LEU A 414 3.67 -5.24 2.47
C LEU A 414 3.58 -6.00 1.15
N ALA A 415 3.62 -7.32 1.24
CA ALA A 415 3.65 -8.20 0.05
C ALA A 415 2.34 -8.97 -0.11
N ASN A 416 2.07 -9.39 -1.35
CA ASN A 416 0.93 -10.25 -1.64
C ASN A 416 1.22 -11.66 -1.14
N LYS A 417 0.43 -12.11 -0.17
CA LYS A 417 0.64 -13.43 0.45
C LYS A 417 0.16 -14.55 -0.46
N TYR A 418 -1.03 -14.38 -1.02
CA TYR A 418 -1.64 -15.39 -1.89
C TYR A 418 -1.30 -15.04 -3.34
N CYS A 419 -0.41 -15.82 -3.93
CA CYS A 419 0.14 -15.54 -5.26
C CYS A 419 0.44 -16.83 -6.03
N GLN A 420 0.51 -16.71 -7.35
CA GLN A 420 0.82 -17.83 -8.24
C GLN A 420 2.33 -18.08 -8.28
N ASP A 421 3.10 -17.03 -8.57
CA ASP A 421 4.56 -17.09 -8.62
C ASP A 421 5.14 -16.29 -7.45
N PRO A 422 5.45 -16.97 -6.33
CA PRO A 422 5.94 -16.26 -5.14
C PRO A 422 7.37 -15.74 -5.27
N ASP A 423 8.21 -16.43 -6.04
CA ASP A 423 9.62 -16.03 -6.20
C ASP A 423 9.76 -14.74 -7.01
N GLN A 424 8.90 -14.57 -8.03
CA GLN A 424 8.84 -13.31 -8.78
C GLN A 424 8.24 -12.16 -7.97
N GLU A 425 7.31 -12.47 -7.07
CA GLU A 425 6.72 -11.48 -6.17
C GLU A 425 7.74 -10.92 -5.17
N ASP A 426 8.61 -11.79 -4.66
CA ASP A 426 9.67 -11.37 -3.74
C ASP A 426 10.74 -10.52 -4.42
N ALA A 427 11.10 -10.90 -5.66
CA ALA A 427 12.05 -10.12 -6.47
C ALA A 427 11.61 -8.66 -6.65
N ALA A 428 10.31 -8.45 -6.81
CA ALA A 428 9.73 -7.11 -6.87
C ALA A 428 9.90 -6.35 -5.55
N ASN A 429 9.61 -7.01 -4.44
CA ASN A 429 9.75 -6.41 -3.11
C ASN A 429 11.20 -6.19 -2.72
N ILE A 430 12.11 -7.03 -3.20
CA ILE A 430 13.55 -6.82 -3.04
C ILE A 430 14.00 -5.65 -3.91
N MET A 431 13.53 -5.62 -5.16
CA MET A 431 13.85 -4.51 -6.08
C MET A 431 13.38 -3.17 -5.51
N ARG A 432 12.20 -3.15 -4.91
CA ARG A 432 11.68 -1.95 -4.24
C ARG A 432 12.60 -1.45 -3.13
N VAL A 433 13.13 -2.39 -2.34
CA VAL A 433 14.08 -2.05 -1.27
C VAL A 433 15.36 -1.45 -1.86
N ILE A 434 15.81 -1.98 -2.99
CA ILE A 434 17.03 -1.50 -3.65
C ILE A 434 16.89 -0.02 -3.99
N SER A 435 15.78 0.33 -4.65
CA SER A 435 15.50 1.73 -5.02
C SER A 435 15.40 2.66 -3.81
N ILE A 436 14.76 2.16 -2.75
CA ILE A 436 14.62 2.91 -1.49
C ILE A 436 15.99 3.14 -0.86
N LYS A 437 16.76 2.06 -0.73
CA LYS A 437 18.09 2.13 -0.14
C LYS A 437 19.10 2.85 -1.04
N ASN A 438 18.83 2.90 -2.35
CA ASN A 438 19.62 3.72 -3.29
C ASN A 438 19.41 5.22 -3.08
N TYR A 439 18.16 5.62 -2.87
CA TYR A 439 17.81 7.03 -2.66
C TYR A 439 18.40 7.57 -1.36
N HIS A 440 18.26 6.81 -0.28
CA HIS A 440 18.84 7.15 1.02
C HIS A 440 19.32 5.88 1.71
N SER A 441 20.61 5.80 1.99
CA SER A 441 21.23 4.59 2.56
C SER A 441 20.81 4.36 4.02
N ASP A 442 20.97 5.39 4.85
CA ASP A 442 20.62 5.31 6.27
C ASP A 442 19.12 5.53 6.49
N ILE A 443 18.34 4.49 6.17
CA ILE A 443 16.90 4.46 6.41
C ILE A 443 16.48 3.09 6.94
N LYS A 444 15.50 3.10 7.85
CA LYS A 444 14.94 1.87 8.39
C LYS A 444 13.94 1.29 7.39
N VAL A 445 14.13 0.01 7.03
CA VAL A 445 13.27 -0.68 6.08
C VAL A 445 12.84 -2.04 6.64
N ILE A 446 11.57 -2.38 6.45
CA ILE A 446 11.03 -3.70 6.85
C ILE A 446 10.30 -4.30 5.66
N VAL A 447 10.47 -5.61 5.47
CA VAL A 447 10.01 -6.30 4.26
C VAL A 447 9.23 -7.56 4.59
N GLN A 448 8.19 -7.83 3.79
CA GLN A 448 7.51 -9.12 3.79
C GLN A 448 8.00 -9.94 2.61
N LEU A 449 8.53 -11.13 2.90
CA LEU A 449 8.83 -12.14 1.87
C LEU A 449 7.89 -13.32 2.06
N LEU A 450 7.94 -14.27 1.12
CA LEU A 450 7.10 -15.46 1.16
C LEU A 450 7.94 -16.70 1.44
N GLN A 451 8.97 -16.93 0.63
CA GLN A 451 9.90 -18.04 0.83
C GLN A 451 11.02 -17.62 1.79
N TYR A 452 11.56 -18.58 2.52
CA TYR A 452 12.66 -18.32 3.46
C TYR A 452 13.98 -18.03 2.74
N HIS A 453 14.23 -18.77 1.66
CA HIS A 453 15.49 -18.64 0.91
C HIS A 453 15.78 -17.26 0.31
N ASN A 454 14.73 -16.48 0.05
CA ASN A 454 14.89 -15.11 -0.49
C ASN A 454 15.53 -14.09 0.48
N LYS A 455 15.60 -14.40 1.77
CA LYS A 455 16.29 -13.54 2.75
C LYS A 455 17.74 -13.23 2.39
N ALA A 456 18.42 -14.17 1.73
CA ALA A 456 19.80 -13.99 1.29
C ALA A 456 20.00 -12.83 0.31
N TYR A 457 19.01 -12.57 -0.54
CA TYR A 457 19.13 -11.49 -1.53
C TYR A 457 19.14 -10.09 -0.92
N LEU A 458 18.59 -9.94 0.28
CA LEU A 458 18.71 -8.70 1.04
C LEU A 458 20.13 -8.48 1.56
N LEU A 459 20.81 -9.56 1.95
CA LEU A 459 22.21 -9.48 2.40
C LEU A 459 23.18 -9.10 1.27
N ASN A 460 22.79 -9.36 0.02
CA ASN A 460 23.57 -8.95 -1.15
C ASN A 460 23.59 -7.43 -1.39
N ILE A 461 22.60 -6.72 -0.86
CA ILE A 461 22.58 -5.26 -0.91
C ILE A 461 23.59 -4.74 0.12
N PRO A 462 24.48 -3.82 -0.29
CA PRO A 462 25.57 -3.39 0.61
C PRO A 462 25.13 -2.49 1.77
N SER A 463 24.17 -1.59 1.51
CA SER A 463 23.69 -0.65 2.53
C SER A 463 22.73 -1.28 3.58
N TRP A 464 22.32 -2.52 3.35
CA TRP A 464 21.49 -3.26 4.30
C TRP A 464 22.24 -3.58 5.58
N ASP A 465 21.71 -3.11 6.72
CA ASP A 465 22.31 -3.32 8.04
C ASP A 465 21.24 -3.69 9.06
N TRP A 466 21.18 -4.97 9.43
CA TRP A 466 20.26 -5.43 10.47
C TRP A 466 20.62 -4.89 11.87
N LYS A 467 21.90 -4.57 12.07
CA LYS A 467 22.37 -3.88 13.28
C LYS A 467 21.65 -2.55 13.51
N ARG A 468 21.39 -1.82 12.42
CA ARG A 468 20.81 -0.48 12.47
C ARG A 468 19.33 -0.48 12.01
N GLY A 469 18.53 -1.37 12.58
CA GLY A 469 17.07 -1.30 12.48
C GLY A 469 16.35 -1.99 11.33
N ASP A 470 17.07 -2.42 10.30
CA ASP A 470 16.44 -3.11 9.15
C ASP A 470 15.99 -4.52 9.52
N ASP A 471 14.81 -4.91 9.05
CA ASP A 471 14.21 -6.22 9.38
C ASP A 471 13.60 -6.90 8.16
N ALA A 472 13.27 -8.17 8.31
CA ALA A 472 12.64 -8.97 7.26
C ALA A 472 11.70 -10.00 7.87
N VAL A 473 10.41 -9.87 7.56
CA VAL A 473 9.37 -10.72 8.11
C VAL A 473 8.98 -11.79 7.09
N CYS A 474 9.47 -13.01 7.28
CA CYS A 474 9.08 -14.13 6.43
C CYS A 474 7.70 -14.65 6.82
N VAL A 475 6.86 -14.86 5.81
CA VAL A 475 5.53 -15.43 6.01
C VAL A 475 5.67 -16.91 6.38
N ALA A 476 6.28 -17.67 5.47
CA ALA A 476 6.40 -19.13 5.63
C ALA A 476 7.09 -19.56 6.93
N GLU A 477 8.14 -18.84 7.32
CA GLU A 477 8.87 -19.13 8.56
C GLU A 477 7.95 -19.02 9.76
N LEU A 478 7.22 -17.92 9.84
CA LEU A 478 6.36 -17.62 10.98
C LEU A 478 5.02 -18.37 10.93
N LYS A 479 4.44 -18.51 9.73
CA LYS A 479 3.13 -19.16 9.56
C LYS A 479 3.16 -20.61 10.04
N LEU A 480 4.05 -21.41 9.46
CA LEU A 480 4.23 -22.81 9.86
C LEU A 480 4.92 -22.92 11.22
N GLY A 481 5.73 -21.92 11.57
CA GLY A 481 6.45 -21.89 12.83
C GLY A 481 5.56 -21.84 14.07
N PHE A 482 4.53 -21.01 14.03
CA PHE A 482 3.50 -21.00 15.08
C PHE A 482 2.78 -22.36 15.16
N ILE A 483 2.43 -22.90 13.99
CA ILE A 483 1.76 -24.21 13.88
C ILE A 483 2.66 -25.33 14.39
N ALA A 484 3.97 -25.23 14.12
CA ALA A 484 4.93 -26.23 14.57
C ALA A 484 5.00 -26.30 16.08
N GLN A 485 5.07 -25.14 16.73
CA GLN A 485 5.15 -25.08 18.19
C GLN A 485 3.89 -25.60 18.88
N SER A 486 2.73 -25.52 18.21
CA SER A 486 1.49 -26.11 18.73
C SER A 486 1.56 -27.65 18.79
N CYS A 487 2.28 -28.26 17.84
CA CYS A 487 2.50 -29.71 17.87
C CYS A 487 3.27 -30.14 19.12
N LEU A 488 4.27 -29.35 19.50
CA LEU A 488 5.08 -29.62 20.68
C LEU A 488 4.28 -29.39 21.96
N ALA A 489 3.64 -28.23 22.04
CA ALA A 489 2.79 -27.88 23.18
C ALA A 489 1.56 -27.13 22.67
N PRO A 490 0.36 -27.75 22.77
CA PRO A 490 -0.84 -27.19 22.12
C PRO A 490 -1.27 -25.84 22.67
N GLY A 491 -1.77 -24.98 21.78
CA GLY A 491 -2.27 -23.66 22.14
C GLY A 491 -1.20 -22.58 22.33
N PHE A 492 0.06 -22.89 22.04
CA PHE A 492 1.14 -21.91 22.14
C PHE A 492 1.02 -20.85 21.04
N SER A 493 0.48 -21.25 19.89
CA SER A 493 0.19 -20.34 18.77
C SER A 493 -0.66 -19.14 19.17
N THR A 494 -1.62 -19.36 20.08
CA THR A 494 -2.53 -18.33 20.52
C THR A 494 -1.89 -17.45 21.59
N LEU A 495 -1.17 -18.10 22.51
CA LEU A 495 -0.38 -17.39 23.53
C LEU A 495 0.51 -16.33 22.89
N MET A 496 1.27 -16.74 21.87
CA MET A 496 2.19 -15.84 21.16
C MET A 496 1.46 -14.79 20.34
N ALA A 497 0.45 -15.21 19.60
CA ALA A 497 -0.37 -14.29 18.80
C ALA A 497 -1.00 -13.18 19.65
N ASN A 498 -1.52 -13.55 20.82
CA ASN A 498 -2.09 -12.59 21.77
C ASN A 498 -1.03 -11.77 22.52
N LEU A 499 0.14 -12.35 22.74
CA LEU A 499 1.25 -11.66 23.41
C LEU A 499 1.70 -10.44 22.62
N PHE A 500 2.17 -10.66 21.40
CA PHE A 500 2.82 -9.59 20.62
C PHE A 500 1.86 -8.57 19.99
N THR A 501 0.68 -9.02 19.57
CA THR A 501 -0.32 -8.12 18.97
C THR A 501 -1.03 -7.27 20.03
N MET A 502 -1.73 -6.24 19.57
CA MET A 502 -2.44 -5.30 20.44
C MET A 502 -3.87 -5.78 20.65
N ARG A 503 -4.29 -5.89 21.91
CA ARG A 503 -5.60 -6.43 22.28
C ARG A 503 -6.27 -5.55 23.33
N SER A 504 -7.58 -5.35 23.19
CA SER A 504 -8.35 -4.47 24.08
C SER A 504 -8.93 -5.23 25.26
N TYR A 505 -8.53 -4.83 26.47
CA TYR A 505 -9.07 -5.39 27.71
C TYR A 505 -10.36 -4.65 28.07
N LYS A 506 -11.45 -5.38 28.22
CA LYS A 506 -12.77 -4.79 28.50
C LYS A 506 -13.72 -5.83 29.11
N PRO A 507 -13.62 -6.07 30.43
CA PRO A 507 -14.48 -7.06 31.08
C PRO A 507 -15.90 -6.53 31.32
N THR A 508 -16.85 -7.02 30.52
CA THR A 508 -18.27 -6.70 30.66
C THR A 508 -18.97 -7.71 31.57
N PRO A 509 -20.11 -7.32 32.19
CA PRO A 509 -20.81 -8.25 33.10
C PRO A 509 -21.57 -9.40 32.43
N GLU A 510 -21.73 -9.36 31.10
CA GLU A 510 -22.39 -10.43 30.35
C GLU A 510 -21.53 -11.69 30.23
N MET A 511 -20.21 -11.53 30.33
CA MET A 511 -19.25 -12.62 30.12
C MET A 511 -19.23 -13.62 31.28
N SER A 512 -18.77 -14.83 30.97
CA SER A 512 -18.58 -15.89 31.97
C SER A 512 -17.17 -15.79 32.58
N GLN A 513 -16.87 -16.67 33.53
CA GLN A 513 -15.57 -16.67 34.22
C GLN A 513 -14.37 -16.96 33.31
N TRP A 514 -14.50 -17.97 32.44
CA TRP A 514 -13.40 -18.37 31.56
C TRP A 514 -13.09 -17.34 30.47
N GLN A 515 -14.11 -16.65 29.98
CA GLN A 515 -13.94 -15.60 28.99
C GLN A 515 -13.28 -14.34 29.59
N THR A 516 -13.62 -14.00 30.82
CA THR A 516 -13.07 -12.82 31.50
C THR A 516 -11.58 -12.96 31.81
N ASP A 517 -11.16 -14.13 32.29
CA ASP A 517 -9.75 -14.39 32.62
C ASP A 517 -8.86 -14.47 31.38
N TYR A 518 -9.42 -14.98 30.28
CA TYR A 518 -8.74 -14.98 28.96
C TYR A 518 -8.42 -13.56 28.50
N MET A 519 -9.38 -12.65 28.65
CA MET A 519 -9.22 -11.24 28.27
C MET A 519 -8.12 -10.54 29.05
N ARG A 520 -7.98 -10.89 30.32
CA ARG A 520 -6.90 -10.38 31.17
C ARG A 520 -5.52 -10.73 30.60
N GLY A 521 -5.39 -11.96 30.09
CA GLY A 521 -4.14 -12.44 29.50
C GLY A 521 -3.76 -11.75 28.20
N THR A 522 -4.74 -11.52 27.33
CA THR A 522 -4.51 -10.89 26.03
C THR A 522 -3.92 -9.48 26.13
N GLY A 523 -4.35 -8.74 27.15
CA GLY A 523 -3.83 -7.40 27.43
C GLY A 523 -2.34 -7.34 27.76
N MET A 524 -1.81 -8.42 28.34
CA MET A 524 -0.39 -8.49 28.68
C MET A 524 0.47 -8.62 27.42
N GLU A 525 1.48 -7.77 27.31
CA GLU A 525 2.25 -7.59 26.08
C GLU A 525 3.75 -7.44 26.37
N MET A 526 4.54 -7.47 25.29
CA MET A 526 5.99 -7.43 25.38
C MET A 526 6.51 -6.01 25.63
N TYR A 527 7.41 -5.87 26.62
CA TYR A 527 8.05 -4.58 26.94
C TYR A 527 9.50 -4.81 27.42
N THR A 528 10.41 -3.95 26.97
CA THR A 528 11.83 -4.04 27.33
C THR A 528 12.33 -2.76 27.99
N GLU A 529 13.20 -2.90 28.99
CA GLU A 529 13.83 -1.77 29.68
C GLU A 529 15.06 -2.23 30.47
N TYR A 530 15.97 -1.29 30.75
CA TYR A 530 17.15 -1.55 31.56
C TYR A 530 16.79 -1.89 33.01
N LEU A 531 17.68 -2.64 33.67
CA LEU A 531 17.52 -3.02 35.08
C LEU A 531 18.25 -2.03 35.98
N SER A 532 17.94 -2.11 37.28
CA SER A 532 18.59 -1.29 38.30
C SER A 532 19.96 -1.89 38.69
N SER A 533 20.68 -1.18 39.55
CA SER A 533 21.98 -1.63 40.05
C SER A 533 21.92 -2.82 41.03
N ALA A 534 20.74 -3.06 41.62
CA ALA A 534 20.55 -4.16 42.57
C ALA A 534 20.74 -5.56 41.98
N PHE A 535 20.51 -5.71 40.67
CA PHE A 535 20.64 -7.01 39.99
C PHE A 535 22.07 -7.39 39.58
N ASN A 536 23.06 -6.53 39.88
CA ASN A 536 24.45 -6.78 39.47
C ASN A 536 25.09 -7.94 40.21
N ALA A 537 25.75 -8.83 39.47
CA ALA A 537 26.39 -10.05 40.01
C ALA A 537 25.41 -11.06 40.62
N LEU A 538 24.20 -11.13 40.06
CA LEU A 538 23.20 -12.14 40.44
C LEU A 538 22.89 -13.03 39.25
N THR A 539 22.32 -14.20 39.53
CA THR A 539 21.90 -15.16 38.49
C THR A 539 20.50 -14.83 38.00
N PHE A 540 20.11 -15.43 36.87
CA PHE A 540 18.79 -15.19 36.28
C PHE A 540 17.63 -15.71 37.15
N PRO A 541 17.77 -16.92 37.73
CA PRO A 541 16.75 -17.38 38.68
C PRO A 541 16.61 -16.49 39.91
N GLU A 542 17.74 -16.10 40.50
CA GLU A 542 17.75 -15.17 41.65
C GLU A 542 17.19 -13.79 41.29
N ALA A 543 17.40 -13.37 40.04
CA ALA A 543 16.84 -12.11 39.53
C ALA A 543 15.32 -12.16 39.42
N ALA A 544 14.81 -13.22 38.78
CA ALA A 544 13.37 -13.36 38.52
C ALA A 544 12.51 -13.52 39.79
N GLU A 545 13.09 -14.08 40.85
CA GLU A 545 12.40 -14.20 42.15
C GLU A 545 12.03 -12.83 42.71
N LEU A 546 12.98 -11.90 42.67
CA LEU A 546 12.75 -10.52 43.11
C LEU A 546 11.74 -9.79 42.21
N CYS A 547 11.78 -10.09 40.90
CA CYS A 547 10.83 -9.53 39.94
C CYS A 547 9.40 -10.03 40.17
N PHE A 548 9.24 -11.33 40.39
CA PHE A 548 7.92 -11.93 40.55
C PHE A 548 7.30 -11.67 41.92
N SER A 549 8.10 -11.80 42.98
CA SER A 549 7.59 -11.66 44.35
C SER A 549 7.30 -10.20 44.69
N LYS A 550 8.33 -9.36 44.66
CA LYS A 550 8.22 -7.95 45.07
C LYS A 550 7.59 -7.10 43.98
N LEU A 551 8.25 -7.03 42.82
CA LEU A 551 7.82 -6.14 41.73
C LEU A 551 6.59 -6.64 40.96
N LYS A 552 6.28 -7.93 41.06
CA LYS A 552 5.11 -8.55 40.39
C LYS A 552 5.18 -8.44 38.87
N LEU A 553 6.29 -8.95 38.32
CA LEU A 553 6.55 -8.97 36.87
C LEU A 553 7.27 -10.26 36.48
N LEU A 554 7.17 -10.61 35.20
CA LEU A 554 7.81 -11.80 34.64
C LEU A 554 9.05 -11.43 33.83
N LEU A 555 10.01 -12.36 33.76
CA LEU A 555 11.21 -12.20 32.93
C LEU A 555 11.34 -13.35 31.95
N LEU A 556 11.71 -13.02 30.70
CA LEU A 556 11.99 -14.02 29.67
C LEU A 556 13.48 -14.15 29.34
N ALA A 557 14.17 -13.03 29.22
CA ALA A 557 15.52 -12.99 28.64
C ALA A 557 16.34 -11.78 29.07
N ILE A 558 17.64 -11.86 28.78
CA ILE A 558 18.58 -10.74 28.98
C ILE A 558 19.50 -10.64 27.75
N GLU A 559 19.76 -9.41 27.30
CA GLU A 559 20.70 -9.16 26.22
C GLU A 559 22.13 -9.28 26.73
N VAL A 560 22.75 -10.45 26.53
CA VAL A 560 24.08 -10.75 27.05
C VAL A 560 25.14 -10.18 26.11
N ARG A 561 26.11 -9.46 26.69
CA ARG A 561 27.20 -8.85 25.93
C ARG A 561 28.26 -9.89 25.55
N GLN A 562 29.03 -9.57 24.51
CA GLN A 562 30.11 -10.45 24.03
C GLN A 562 31.08 -9.70 23.12
N GLU A 567 29.80 -8.07 19.97
CA GLU A 567 28.63 -8.67 19.34
C GLU A 567 27.70 -9.27 20.40
N SER A 568 26.72 -8.48 20.83
CA SER A 568 25.75 -8.91 21.84
C SER A 568 24.69 -9.85 21.26
N THR A 569 24.10 -10.67 22.12
CA THR A 569 23.08 -11.65 21.72
C THR A 569 21.98 -11.83 22.77
N LEU A 570 20.85 -12.34 22.32
CA LEU A 570 19.69 -12.61 23.17
C LEU A 570 19.76 -14.05 23.71
N ALA A 571 19.21 -14.26 24.90
CA ALA A 571 19.20 -15.58 25.55
C ALA A 571 17.98 -15.75 26.45
N ILE A 572 17.09 -16.67 26.08
CA ILE A 572 15.84 -16.88 26.80
C ILE A 572 16.07 -17.82 27.99
N ASN A 573 15.80 -17.31 29.20
CA ASN A 573 15.91 -18.08 30.44
C ASN A 573 17.22 -18.88 30.56
N PRO A 574 18.35 -18.18 30.72
CA PRO A 574 19.64 -18.86 30.84
C PRO A 574 19.84 -19.54 32.20
N GLY A 575 20.86 -20.40 32.28
CA GLY A 575 21.19 -21.10 33.51
C GLY A 575 21.84 -20.20 34.54
N PRO A 576 22.09 -20.75 35.76
CA PRO A 576 22.68 -19.95 36.85
C PRO A 576 24.17 -19.63 36.69
N LYS A 577 24.86 -20.22 35.71
CA LYS A 577 26.26 -19.88 35.41
C LYS A 577 26.42 -18.44 34.93
N VAL A 578 25.52 -17.98 34.06
CA VAL A 578 25.59 -16.64 33.50
C VAL A 578 25.09 -15.61 34.51
N LYS A 579 25.85 -14.52 34.65
CA LYS A 579 25.53 -13.43 35.58
C LYS A 579 25.20 -12.14 34.82
N ILE A 580 24.67 -11.16 35.55
CA ILE A 580 24.22 -9.89 34.99
C ILE A 580 25.28 -8.80 35.20
N GLU A 581 25.60 -8.07 34.14
CA GLU A 581 26.50 -6.92 34.19
C GLU A 581 25.69 -5.62 34.31
N ASN A 582 26.39 -4.48 34.27
CA ASN A 582 25.73 -3.16 34.34
C ASN A 582 25.00 -2.80 33.05
N ALA A 583 23.82 -2.19 33.19
CA ALA A 583 23.03 -1.67 32.06
C ALA A 583 22.63 -2.75 31.05
N THR A 584 22.01 -3.82 31.55
CA THR A 584 21.53 -4.93 30.73
C THR A 584 20.04 -4.79 30.44
N GLN A 585 19.64 -5.02 29.18
CA GLN A 585 18.25 -4.88 28.76
C GLN A 585 17.42 -6.09 29.16
N GLY A 586 16.39 -5.86 29.97
CA GLY A 586 15.46 -6.91 30.38
C GLY A 586 14.35 -7.13 29.38
N PHE A 587 13.73 -8.31 29.44
CA PHE A 587 12.63 -8.70 28.55
C PHE A 587 11.43 -9.13 29.39
N PHE A 588 10.42 -8.26 29.47
CA PHE A 588 9.28 -8.43 30.38
C PHE A 588 7.96 -8.69 29.67
N ILE A 589 7.04 -9.33 30.39
CA ILE A 589 5.65 -9.45 29.99
C ILE A 589 4.80 -8.91 31.14
N ALA A 590 3.94 -7.94 30.86
CA ALA A 590 3.14 -7.27 31.91
C ALA A 590 1.94 -6.55 31.33
N GLU A 591 1.09 -6.04 32.22
CA GLU A 591 -0.14 -5.33 31.84
C GLU A 591 0.12 -4.11 30.94
N SER A 592 1.16 -3.34 31.26
CA SER A 592 1.52 -2.16 30.48
C SER A 592 2.96 -1.70 30.72
N ALA A 593 3.41 -0.77 29.89
CA ALA A 593 4.77 -0.20 29.97
C ALA A 593 5.03 0.62 31.25
N GLU A 594 3.98 1.20 31.81
CA GLU A 594 4.08 2.00 33.04
C GLU A 594 4.55 1.17 34.24
N GLU A 595 4.08 -0.09 34.32
CA GLU A 595 4.48 -1.00 35.40
C GLU A 595 5.92 -1.49 35.29
N VAL A 596 6.47 -1.52 34.07
CA VAL A 596 7.83 -2.01 33.83
C VAL A 596 8.90 -1.02 34.33
N LYS A 597 8.53 0.26 34.46
CA LYS A 597 9.41 1.28 35.06
C LYS A 597 9.90 0.92 36.47
N ARG A 598 9.11 0.12 37.20
CA ARG A 598 9.46 -0.35 38.54
C ARG A 598 10.74 -1.21 38.59
N ALA A 599 11.10 -1.81 37.45
CA ALA A 599 12.39 -2.50 37.31
C ALA A 599 13.57 -1.54 37.41
N PHE A 600 13.45 -0.37 36.78
CA PHE A 600 14.51 0.65 36.79
C PHE A 600 14.65 1.32 38.16
N TYR A 601 13.52 1.71 38.75
CA TYR A 601 13.50 2.35 40.07
C TYR A 601 13.41 1.29 41.17
N TYR A 602 14.56 0.86 41.68
CA TYR A 602 14.63 -0.22 42.68
C TYR A 602 15.95 -0.22 43.44
N CYS A 603 15.90 -0.67 44.69
CA CYS A 603 17.09 -0.80 45.55
C CYS A 603 16.83 -1.81 46.67
N LYS A 604 17.89 -2.50 47.08
CA LYS A 604 17.80 -3.53 48.13
C LYS A 604 17.56 -2.92 49.51
N ASN A 605 18.30 -1.85 49.82
CA ASN A 605 18.19 -1.16 51.11
C ASN A 605 16.92 -0.33 51.26
N CYS A 606 16.61 0.46 50.24
CA CYS A 606 15.48 1.41 50.29
C CYS A 606 14.13 0.74 50.10
N HIS A 607 13.98 0.00 49.00
CA HIS A 607 12.71 -0.62 48.61
C HIS A 607 12.63 -2.08 49.07
N ALA A 608 12.71 -2.29 50.38
CA ALA A 608 12.73 -3.64 50.97
C ALA A 608 11.33 -4.11 51.36
N ASN A 609 10.77 -3.50 52.42
CA ASN A 609 9.45 -3.88 52.94
C ASN A 609 8.39 -2.88 52.51
N VAL A 610 7.88 -3.09 51.29
CA VAL A 610 6.82 -2.25 50.72
C VAL A 610 5.65 -3.17 50.34
N SER A 611 4.48 -2.92 50.95
CA SER A 611 3.30 -3.76 50.72
C SER A 611 2.66 -3.45 49.36
N ASP A 612 2.19 -2.22 49.19
CA ASP A 612 1.61 -1.77 47.93
C ASP A 612 2.73 -1.43 46.97
N VAL A 613 2.73 -2.08 45.81
CA VAL A 613 3.86 -2.00 44.86
C VAL A 613 3.79 -0.71 44.02
N ARG A 614 2.61 -0.08 43.98
CA ARG A 614 2.43 1.23 43.32
C ARG A 614 3.21 2.37 43.98
N GLN A 615 3.54 2.22 45.27
CA GLN A 615 4.32 3.23 46.01
C GLN A 615 5.77 3.37 45.53
N ILE A 616 6.32 2.31 44.94
CA ILE A 616 7.73 2.28 44.51
C ILE A 616 7.91 3.12 43.24
N LYS A 617 8.44 4.33 43.40
CA LYS A 617 8.79 5.19 42.27
C LYS A 617 9.76 6.31 42.69
N LYS A 618 10.82 5.91 43.40
CA LYS A 618 11.80 6.85 43.97
C LYS A 618 13.14 6.73 43.26
N CYS A 619 13.70 7.87 42.85
CA CYS A 619 15.01 7.93 42.21
C CYS A 619 16.13 8.01 43.26
N LYS A 620 15.99 8.96 44.19
CA LYS A 620 16.99 9.18 45.24
C LYS A 620 16.96 8.08 46.29
N CYS A 621 17.71 7.00 46.03
CA CYS A 621 17.84 5.88 46.96
C CYS A 621 18.83 6.21 48.06
N LYS A 707 24.79 -37.05 11.89
CA LYS A 707 23.72 -36.92 12.88
C LYS A 707 23.14 -35.50 12.97
N PHE A 708 23.98 -34.49 12.79
CA PHE A 708 23.58 -33.08 12.94
C PHE A 708 24.02 -32.21 11.76
N ASP A 709 23.58 -30.95 11.77
CA ASP A 709 23.94 -29.96 10.75
C ASP A 709 25.37 -29.47 10.95
N SER A 710 25.84 -28.63 10.02
CA SER A 710 27.10 -27.91 10.17
C SER A 710 27.09 -26.97 11.39
N THR A 711 25.95 -26.33 11.60
CA THR A 711 25.76 -25.44 12.75
C THR A 711 25.64 -26.18 14.09
N GLY A 712 25.04 -27.37 14.04
CA GLY A 712 24.80 -28.19 15.23
C GLY A 712 23.56 -27.76 15.99
N MET A 713 22.51 -27.39 15.25
CA MET A 713 21.23 -26.95 15.83
C MET A 713 20.04 -27.87 15.53
N PHE A 714 20.10 -28.62 14.42
CA PHE A 714 19.05 -29.57 14.04
C PHE A 714 19.64 -30.93 13.68
N HIS A 715 18.77 -31.93 13.59
CA HIS A 715 19.15 -33.29 13.19
C HIS A 715 19.23 -33.40 11.67
N TRP A 716 20.11 -34.28 11.20
CA TRP A 716 20.46 -34.38 9.78
C TRP A 716 20.39 -35.83 9.31
N CYS A 717 20.18 -35.99 8.00
CA CYS A 717 20.22 -37.29 7.34
C CYS A 717 20.82 -37.14 5.94
N PRO A 718 21.28 -38.26 5.34
CA PRO A 718 21.82 -38.19 3.97
C PRO A 718 20.76 -37.92 2.90
N ASP A 719 21.22 -37.63 1.69
CA ASP A 719 20.33 -37.26 0.57
C ASP A 719 19.54 -38.47 0.07
N ARG A 720 18.40 -38.73 0.71
CA ARG A 720 17.53 -39.84 0.33
C ARG A 720 16.72 -39.49 -0.91
N PRO A 721 16.38 -40.51 -1.74
CA PRO A 721 15.35 -40.33 -2.76
C PRO A 721 13.96 -40.48 -2.16
N LEU A 722 12.94 -40.06 -2.90
CA LEU A 722 11.56 -40.04 -2.40
C LEU A 722 10.98 -41.45 -2.15
N ASN A 723 11.45 -42.44 -2.91
CA ASN A 723 10.92 -43.81 -2.82
C ASN A 723 11.26 -44.56 -1.51
N ASP A 724 12.23 -44.07 -0.75
CA ASP A 724 12.56 -44.63 0.57
C ASP A 724 11.47 -44.34 1.60
N CYS A 725 11.07 -43.07 1.69
CA CYS A 725 10.07 -42.64 2.68
C CYS A 725 8.61 -42.77 2.22
N LEU A 726 8.38 -43.14 0.95
CA LEU A 726 7.01 -43.37 0.44
C LEU A 726 6.40 -44.63 1.03
N GLN A 727 5.07 -44.66 1.07
CA GLN A 727 4.32 -45.77 1.65
C GLN A 727 2.99 -45.99 0.91
N ASP A 728 2.46 -47.21 1.05
CA ASP A 728 1.07 -47.53 0.71
C ASP A 728 0.25 -47.50 2.00
N ARG A 729 -1.05 -47.78 1.87
CA ARG A 729 -1.94 -47.84 3.03
C ARG A 729 -1.58 -49.00 3.97
N SER A 730 -1.25 -50.15 3.38
CA SER A 730 -0.86 -51.34 4.14
C SER A 730 0.42 -51.14 4.94
N GLN A 731 1.43 -50.52 4.32
CA GLN A 731 2.71 -50.25 4.96
C GLN A 731 2.60 -49.22 6.10
N ALA A 732 1.70 -48.25 5.94
CA ALA A 732 1.41 -47.26 6.98
C ALA A 732 0.74 -47.90 8.19
N SER A 733 -0.26 -48.75 7.93
CA SER A 733 -0.97 -49.47 9.00
C SER A 733 -0.10 -50.54 9.67
N ALA A 734 0.73 -51.21 8.87
CA ALA A 734 1.66 -52.22 9.38
C ALA A 734 2.69 -51.63 10.34
N SER A 735 3.16 -50.42 10.03
CA SER A 735 4.04 -49.67 10.93
C SER A 735 3.22 -49.18 12.13
N GLY A 736 3.61 -49.60 13.33
CA GLY A 736 2.89 -49.27 14.55
C GLY A 736 3.15 -47.85 15.01
N LEU A 737 2.52 -46.89 14.34
CA LEU A 737 2.72 -45.46 14.62
C LEU A 737 1.81 -45.03 15.76
N ARG A 738 2.40 -44.40 16.77
CA ARG A 738 1.65 -43.75 17.85
C ARG A 738 2.43 -42.55 18.40
N ASN A 739 1.69 -41.54 18.87
CA ASN A 739 2.25 -40.26 19.32
C ASN A 739 3.07 -39.58 18.22
N HIS A 740 2.37 -39.07 17.21
CA HIS A 740 3.01 -38.52 16.01
C HIS A 740 2.24 -37.34 15.43
N VAL A 741 2.87 -36.66 14.47
CA VAL A 741 2.30 -35.50 13.80
C VAL A 741 1.72 -35.92 12.44
N VAL A 742 0.57 -35.35 12.10
CA VAL A 742 -0.07 -35.57 10.79
C VAL A 742 -0.26 -34.22 10.12
N VAL A 743 -0.07 -34.17 8.80
CA VAL A 743 -0.20 -32.94 8.03
C VAL A 743 -1.09 -33.19 6.82
N CYS A 744 -2.34 -32.69 6.90
CA CYS A 744 -3.28 -32.75 5.79
C CYS A 744 -2.98 -31.60 4.82
N LEU A 745 -2.37 -31.95 3.69
CA LEU A 745 -1.88 -30.98 2.72
C LEU A 745 -2.78 -30.98 1.48
N PHE A 746 -3.45 -29.85 1.24
CA PHE A 746 -4.31 -29.69 0.07
C PHE A 746 -3.57 -28.92 -1.00
N ALA A 747 -3.33 -29.57 -2.15
CA ALA A 747 -2.60 -28.95 -3.25
C ALA A 747 -2.80 -29.71 -4.57
N ASP A 748 -2.56 -29.00 -5.67
CA ASP A 748 -2.48 -29.59 -7.01
C ASP A 748 -1.02 -29.81 -7.37
N ALA A 749 -0.79 -30.42 -8.53
CA ALA A 749 0.56 -30.59 -9.07
C ALA A 749 1.17 -29.23 -9.42
N ALA A 750 0.42 -28.44 -10.18
CA ALA A 750 0.82 -27.09 -10.60
C ALA A 750 0.32 -26.03 -9.62
N SER A 751 0.79 -26.13 -8.36
CA SER A 751 0.45 -25.17 -7.30
C SER A 751 1.74 -24.58 -6.73
N PRO A 752 1.64 -23.41 -6.06
CA PRO A 752 2.84 -22.80 -5.49
C PRO A 752 3.35 -23.52 -4.24
N LEU A 753 4.64 -23.38 -3.98
CA LEU A 753 5.28 -24.03 -2.84
C LEU A 753 4.94 -23.27 -1.56
N ILE A 754 4.63 -24.00 -0.49
CA ILE A 754 4.44 -23.41 0.84
C ILE A 754 5.81 -23.26 1.50
N GLY A 755 6.57 -24.36 1.48
CA GLY A 755 7.87 -24.44 2.14
C GLY A 755 7.73 -25.20 3.44
N LEU A 756 7.36 -26.48 3.32
CA LEU A 756 7.14 -27.35 4.48
C LEU A 756 8.36 -27.57 5.36
N ARG A 757 9.56 -27.26 4.86
CA ARG A 757 10.78 -27.28 5.67
C ARG A 757 10.62 -26.52 6.98
N ASN A 758 9.96 -25.36 6.92
CA ASN A 758 9.77 -24.52 8.11
C ASN A 758 8.78 -25.07 9.15
N LEU A 759 7.99 -26.07 8.77
CA LEU A 759 7.17 -26.85 9.73
C LEU A 759 8.00 -27.93 10.41
N VAL A 760 8.76 -28.69 9.61
CA VAL A 760 9.52 -29.83 10.09
C VAL A 760 10.78 -29.41 10.88
N MET A 761 11.50 -28.41 10.36
CA MET A 761 12.75 -27.93 10.97
C MET A 761 12.68 -27.72 12.50
N PRO A 762 11.70 -26.94 12.98
CA PRO A 762 11.59 -26.75 14.45
C PRO A 762 11.17 -28.00 15.23
N LEU A 763 10.50 -28.94 14.58
CA LEU A 763 10.20 -30.24 15.20
C LEU A 763 11.45 -31.09 15.40
N ARG A 764 12.46 -30.90 14.53
CA ARG A 764 13.71 -31.65 14.59
C ARG A 764 14.86 -30.80 15.16
N ALA A 765 14.62 -30.16 16.30
CA ALA A 765 15.65 -29.39 16.98
C ALA A 765 16.64 -30.32 17.69
N SER A 766 17.88 -29.85 17.85
CA SER A 766 18.91 -30.59 18.58
C SER A 766 18.66 -30.64 20.10
N ASN A 767 17.73 -29.81 20.59
CA ASN A 767 17.28 -29.85 21.98
C ASN A 767 16.69 -31.21 22.37
N PHE A 768 15.92 -31.78 21.47
CA PHE A 768 15.29 -33.08 21.68
C PHE A 768 16.27 -34.20 21.32
N HIS A 769 16.25 -35.28 22.10
CA HIS A 769 17.04 -36.48 21.78
C HIS A 769 16.39 -37.25 20.65
N TYR A 770 17.15 -38.18 20.06
CA TYR A 770 16.74 -38.90 18.86
C TYR A 770 15.44 -39.69 19.03
N HIS A 771 15.28 -40.34 20.19
CA HIS A 771 14.05 -41.10 20.50
C HIS A 771 12.85 -40.20 20.81
N GLU A 772 13.10 -39.00 21.32
CA GLU A 772 12.04 -38.04 21.67
C GLU A 772 11.34 -37.38 20.47
N LEU A 773 11.98 -37.41 19.29
CA LEU A 773 11.45 -36.73 18.10
C LEU A 773 10.14 -37.32 17.60
N LYS A 774 9.17 -36.45 17.37
CA LYS A 774 7.84 -36.86 16.92
C LYS A 774 7.87 -37.04 15.40
N PRO A 775 7.57 -38.25 14.89
CA PRO A 775 7.61 -38.47 13.45
C PRO A 775 6.43 -37.82 12.73
N THR A 776 6.69 -37.23 11.57
CA THR A 776 5.66 -36.53 10.79
C THR A 776 5.18 -37.39 9.65
N ILE A 777 3.87 -37.29 9.36
CA ILE A 777 3.22 -38.07 8.31
C ILE A 777 2.42 -37.11 7.42
N ILE A 778 3.04 -36.71 6.31
CA ILE A 778 2.41 -35.79 5.37
C ILE A 778 1.46 -36.57 4.47
N VAL A 779 0.27 -36.01 4.23
CA VAL A 779 -0.74 -36.62 3.37
C VAL A 779 -1.16 -35.60 2.30
N GLY A 780 -0.87 -35.92 1.04
CA GLY A 780 -1.22 -35.02 -0.07
C GLY A 780 -0.92 -35.60 -1.43
N ASN A 781 -0.72 -34.72 -2.41
CA ASN A 781 -0.42 -35.12 -3.79
C ASN A 781 1.08 -35.34 -3.97
N LEU A 782 1.44 -36.30 -4.83
CA LEU A 782 2.84 -36.63 -5.11
C LEU A 782 3.51 -35.54 -5.92
N ASP A 783 2.93 -35.22 -7.07
CA ASP A 783 3.48 -34.23 -8.01
C ASP A 783 3.83 -32.89 -7.36
N TYR A 784 3.08 -32.53 -6.31
CA TYR A 784 3.43 -31.39 -5.47
C TYR A 784 4.70 -31.67 -4.66
N LEU A 785 4.68 -32.76 -3.89
CA LEU A 785 5.74 -33.07 -2.94
C LEU A 785 7.09 -33.39 -3.57
N HIS A 786 7.09 -33.84 -4.83
CA HIS A 786 8.33 -34.02 -5.60
C HIS A 786 9.17 -32.75 -5.67
N ARG A 787 8.51 -31.59 -5.78
CA ARG A 787 9.21 -30.30 -5.76
C ARG A 787 9.81 -30.02 -4.38
N GLU A 788 8.99 -30.17 -3.34
CA GLU A 788 9.41 -29.87 -1.96
C GLU A 788 10.36 -30.90 -1.34
N TRP A 789 10.55 -32.06 -1.99
CA TRP A 789 11.43 -33.10 -1.44
C TRP A 789 12.90 -32.67 -1.32
N LYS A 790 13.35 -31.83 -2.24
CA LYS A 790 14.74 -31.33 -2.23
C LYS A 790 15.13 -30.57 -0.96
N THR A 791 14.13 -29.98 -0.29
CA THR A 791 14.31 -29.38 1.02
C THR A 791 14.15 -30.40 2.15
N LEU A 792 13.10 -31.22 2.07
CA LEU A 792 12.73 -32.15 3.14
C LEU A 792 13.59 -33.41 3.26
N GLN A 793 14.32 -33.79 2.21
CA GLN A 793 15.07 -35.06 2.19
C GLN A 793 16.04 -35.27 3.38
N ASN A 794 16.64 -34.19 3.86
CA ASN A 794 17.61 -34.24 4.95
C ASN A 794 16.99 -34.00 6.33
N PHE A 795 16.01 -34.82 6.67
CA PHE A 795 15.38 -34.82 8.00
C PHE A 795 15.02 -36.26 8.39
N PRO A 796 15.14 -36.60 9.69
CA PRO A 796 14.82 -37.97 10.11
C PRO A 796 13.33 -38.16 10.41
N LYS A 797 12.84 -39.37 10.12
CA LYS A 797 11.48 -39.80 10.49
C LYS A 797 10.36 -39.05 9.76
N LEU A 798 10.45 -39.00 8.43
CA LEU A 798 9.36 -38.54 7.57
C LEU A 798 8.62 -39.75 6.99
N SER A 799 7.42 -39.50 6.49
CA SER A 799 6.59 -40.55 5.90
C SER A 799 5.48 -39.97 5.03
N ILE A 800 5.82 -39.74 3.76
CA ILE A 800 4.89 -39.19 2.78
C ILE A 800 3.93 -40.29 2.31
N LEU A 801 2.63 -40.04 2.50
CA LEU A 801 1.57 -40.91 1.98
C LEU A 801 0.84 -40.16 0.86
N PRO A 802 0.68 -40.80 -0.32
CA PRO A 802 -0.05 -40.16 -1.40
C PRO A 802 -1.57 -40.18 -1.20
N GLY A 803 -2.29 -39.48 -2.09
CA GLY A 803 -3.74 -39.40 -2.04
C GLY A 803 -4.24 -38.24 -1.20
N SER A 804 -5.50 -37.88 -1.39
CA SER A 804 -6.11 -36.75 -0.68
C SER A 804 -6.42 -37.10 0.77
N PRO A 805 -6.43 -36.09 1.67
CA PRO A 805 -6.72 -36.33 3.08
C PRO A 805 -8.22 -36.39 3.44
N LEU A 806 -9.10 -36.47 2.43
CA LEU A 806 -10.53 -36.68 2.65
C LEU A 806 -10.93 -38.16 2.61
N ASN A 807 -10.12 -39.01 1.97
CA ASN A 807 -10.29 -40.46 2.04
C ASN A 807 -9.99 -40.96 3.44
N ARG A 808 -11.02 -41.47 4.12
CA ARG A 808 -10.89 -41.91 5.50
C ARG A 808 -9.95 -43.13 5.66
N ALA A 809 -9.84 -43.92 4.60
CA ALA A 809 -8.89 -45.04 4.56
C ALA A 809 -7.44 -44.58 4.73
N ASN A 810 -7.11 -43.44 4.12
CA ASN A 810 -5.79 -42.83 4.27
C ASN A 810 -5.55 -42.37 5.71
N LEU A 811 -6.59 -41.80 6.33
CA LEU A 811 -6.51 -41.33 7.71
C LEU A 811 -6.45 -42.48 8.70
N ARG A 812 -7.32 -43.47 8.54
CA ARG A 812 -7.37 -44.64 9.43
C ARG A 812 -6.12 -45.52 9.37
N ALA A 813 -5.45 -45.52 8.22
CA ALA A 813 -4.15 -46.21 8.07
C ALA A 813 -3.04 -45.46 8.83
N VAL A 814 -3.06 -44.13 8.69
CA VAL A 814 -2.09 -43.26 9.38
C VAL A 814 -2.29 -43.22 10.90
N ASN A 815 -3.52 -43.48 11.37
CA ASN A 815 -3.89 -43.42 12.78
C ASN A 815 -3.90 -41.99 13.33
N ILE A 816 -4.98 -41.28 13.06
CA ILE A 816 -5.27 -40.01 13.73
C ILE A 816 -5.80 -40.31 15.14
N ASN A 817 -6.45 -41.46 15.29
CA ASN A 817 -6.78 -42.04 16.59
C ASN A 817 -5.69 -41.79 17.64
N LEU A 818 -4.48 -42.30 17.37
CA LEU A 818 -3.31 -42.07 18.21
C LEU A 818 -2.44 -41.02 17.55
N CYS A 819 -2.56 -39.78 18.00
CA CYS A 819 -1.86 -38.65 17.39
C CYS A 819 -1.61 -37.53 18.41
N ASP A 820 -0.51 -36.80 18.21
CA ASP A 820 -0.17 -35.65 19.04
C ASP A 820 -0.77 -34.36 18.48
N MET A 821 -0.70 -34.18 17.16
CA MET A 821 -1.29 -33.02 16.50
C MET A 821 -1.49 -33.25 15.01
N CYS A 822 -2.73 -33.06 14.54
CA CYS A 822 -3.08 -33.16 13.12
C CYS A 822 -3.25 -31.77 12.51
N VAL A 823 -2.28 -31.36 11.71
CA VAL A 823 -2.28 -30.06 11.05
C VAL A 823 -3.06 -30.14 9.74
N ILE A 824 -3.70 -29.04 9.36
CA ILE A 824 -4.38 -28.91 8.06
C ILE A 824 -3.87 -27.63 7.39
N VAL A 825 -3.31 -27.78 6.19
CA VAL A 825 -2.76 -26.66 5.42
C VAL A 825 -3.27 -26.71 3.99
N SER A 826 -3.67 -25.54 3.47
CA SER A 826 -4.05 -25.39 2.07
C SER A 826 -2.88 -24.82 1.28
N ALA A 827 -2.85 -25.12 -0.02
CA ALA A 827 -1.84 -24.56 -0.93
C ALA A 827 -2.36 -24.15 -2.32
N LYS A 828 -3.68 -24.01 -2.46
CA LYS A 828 -4.30 -23.70 -3.75
C LYS A 828 -4.39 -22.19 -3.96
N ASP A 829 -4.82 -21.78 -5.14
CA ASP A 829 -4.95 -20.37 -5.48
C ASP A 829 -6.18 -19.75 -4.81
N ARG A 830 -5.97 -19.23 -3.60
CA ARG A 830 -7.04 -18.65 -2.77
C ARG A 830 -7.10 -17.14 -2.91
N ASN A 831 -8.20 -16.56 -2.44
CA ASN A 831 -8.52 -15.12 -2.58
C ASN A 831 -8.54 -14.63 -4.04
N MET A 832 -8.98 -15.49 -4.94
CA MET A 832 -9.04 -15.19 -6.38
C MET A 832 -10.49 -14.98 -6.82
N GLU A 833 -11.32 -16.00 -6.58
CA GLU A 833 -12.72 -16.01 -7.07
C GLU A 833 -13.68 -15.46 -6.03
N ASP A 834 -13.82 -16.14 -4.90
CA ASP A 834 -14.79 -15.80 -3.85
C ASP A 834 -14.10 -15.30 -2.57
N PRO A 835 -14.81 -14.52 -1.74
CA PRO A 835 -14.27 -14.05 -0.46
C PRO A 835 -14.52 -14.98 0.74
N ASN A 836 -15.72 -15.58 0.82
CA ASN A 836 -16.12 -16.40 1.97
C ASN A 836 -15.97 -17.91 1.78
N LEU A 837 -16.03 -18.38 0.53
CA LEU A 837 -15.89 -19.81 0.22
C LEU A 837 -14.46 -20.14 -0.20
N VAL A 838 -13.53 -19.80 0.69
CA VAL A 838 -12.08 -19.93 0.44
C VAL A 838 -11.56 -21.19 1.10
N ASP A 839 -11.85 -21.33 2.41
CA ASP A 839 -11.34 -22.45 3.22
C ASP A 839 -12.34 -23.60 3.31
N LYS A 840 -13.14 -23.80 2.26
CA LYS A 840 -14.14 -24.89 2.22
C LYS A 840 -13.53 -26.28 2.37
N GLU A 841 -12.33 -26.47 1.80
CA GLU A 841 -11.60 -27.73 1.93
C GLU A 841 -11.02 -27.91 3.34
N ALA A 842 -10.56 -26.82 3.95
CA ALA A 842 -10.06 -26.85 5.33
C ALA A 842 -11.15 -27.08 6.37
N ILE A 843 -12.31 -26.46 6.15
CA ILE A 843 -13.45 -26.60 7.07
C ILE A 843 -14.07 -27.99 6.97
N LEU A 844 -14.24 -28.50 5.75
CA LEU A 844 -14.76 -29.86 5.55
C LEU A 844 -13.87 -30.93 6.19
N CYS A 845 -12.55 -30.76 6.08
CA CYS A 845 -11.58 -31.71 6.63
C CYS A 845 -11.63 -31.79 8.15
N SER A 846 -11.74 -30.64 8.81
CA SER A 846 -11.88 -30.59 10.27
C SER A 846 -13.18 -31.24 10.73
N LEU A 847 -14.28 -30.96 10.03
CA LEU A 847 -15.57 -31.58 10.31
C LEU A 847 -15.54 -33.09 10.08
N ASN A 848 -14.90 -33.51 8.98
CA ASN A 848 -14.76 -34.92 8.62
C ASN A 848 -14.10 -35.74 9.74
N ILE A 849 -13.03 -35.20 10.31
CA ILE A 849 -12.27 -35.89 11.34
C ILE A 849 -13.04 -35.92 12.68
N LYS A 850 -13.69 -34.82 13.03
CA LYS A 850 -14.51 -34.76 14.24
C LYS A 850 -15.69 -35.74 14.20
N ALA A 851 -16.32 -35.86 13.03
CA ALA A 851 -17.44 -36.77 12.85
C ALA A 851 -17.01 -38.25 12.80
N MET A 852 -15.81 -38.51 12.30
CA MET A 852 -15.29 -39.87 12.14
C MET A 852 -15.01 -40.53 13.50
N THR A 853 -15.44 -41.78 13.65
CA THR A 853 -15.29 -42.54 14.90
C THR A 853 -14.76 -43.95 14.65
N PHE A 854 -14.09 -44.50 15.67
CA PHE A 854 -13.48 -45.83 15.59
C PHE A 854 -13.29 -46.46 16.96
N ASP A 855 -13.14 -47.79 16.98
CA ASP A 855 -12.99 -48.56 18.22
C ASP A 855 -11.57 -48.42 18.79
N ALA A 884 -13.49 -38.28 17.90
CA ALA A 884 -13.99 -36.94 18.19
C ALA A 884 -12.95 -36.12 18.96
N ASN A 885 -12.47 -36.69 20.06
CA ASN A 885 -11.41 -36.05 20.86
C ASN A 885 -10.07 -36.15 20.16
N VAL A 886 -9.85 -35.25 19.22
CA VAL A 886 -8.65 -35.24 18.38
C VAL A 886 -7.99 -33.86 18.46
N PRO A 887 -6.65 -33.80 18.52
CA PRO A 887 -5.98 -32.52 18.40
C PRO A 887 -5.97 -32.05 16.94
N LEU A 888 -6.49 -30.84 16.71
CA LEU A 888 -6.57 -30.27 15.37
C LEU A 888 -6.06 -28.83 15.34
N ILE A 889 -5.67 -28.39 14.15
CA ILE A 889 -5.27 -27.01 13.90
C ILE A 889 -5.35 -26.73 12.40
N THR A 890 -5.92 -25.57 12.04
CA THR A 890 -6.25 -25.25 10.65
C THR A 890 -5.71 -23.90 10.20
N GLU A 891 -5.14 -23.87 9.00
CA GLU A 891 -4.69 -22.63 8.36
C GLU A 891 -5.89 -21.99 7.67
N LEU A 892 -6.27 -20.80 8.13
CA LEU A 892 -7.41 -20.06 7.58
C LEU A 892 -6.96 -18.73 7.01
N ALA A 893 -7.30 -18.47 5.75
CA ALA A 893 -7.00 -17.19 5.09
C ALA A 893 -7.95 -16.11 5.59
N ASN A 894 -9.26 -16.38 5.49
CA ASN A 894 -10.29 -15.46 5.95
C ASN A 894 -10.65 -15.71 7.41
N ASP A 895 -10.82 -14.63 8.17
CA ASP A 895 -11.02 -14.70 9.63
C ASP A 895 -12.45 -15.09 10.00
N SER A 896 -13.42 -14.53 9.29
CA SER A 896 -14.85 -14.79 9.54
C SER A 896 -15.27 -16.25 9.32
N ASN A 897 -14.47 -17.01 8.56
CA ASN A 897 -14.68 -18.45 8.40
C ASN A 897 -14.49 -19.28 9.67
N VAL A 898 -13.89 -18.68 10.71
CA VAL A 898 -13.79 -19.30 12.04
C VAL A 898 -15.17 -19.66 12.62
N GLN A 899 -16.19 -18.87 12.28
CA GLN A 899 -17.60 -19.17 12.63
C GLN A 899 -17.99 -20.64 12.46
N PHE A 900 -17.59 -21.24 11.34
CA PHE A 900 -18.13 -22.53 10.89
C PHE A 900 -17.57 -23.78 11.57
N LEU A 901 -16.50 -23.64 12.35
CA LEU A 901 -15.76 -24.80 12.87
C LEU A 901 -16.49 -25.58 13.96
N ASP A 902 -16.70 -24.93 15.12
CA ASP A 902 -17.20 -25.62 16.31
C ASP A 902 -18.72 -25.83 16.30
N GLN A 903 -19.17 -26.75 17.15
CA GLN A 903 -20.60 -27.04 17.31
C GLN A 903 -21.23 -26.00 18.24
N ASP A 904 -20.69 -25.89 19.45
CA ASP A 904 -21.25 -25.02 20.49
C ASP A 904 -20.82 -23.56 20.29
N ASP A 905 -21.40 -22.93 19.27
CA ASP A 905 -21.13 -21.52 18.96
C ASP A 905 -22.09 -20.65 19.77
N ASP A 906 -21.64 -20.23 20.96
CA ASP A 906 -22.39 -19.30 21.81
C ASP A 906 -21.81 -17.89 21.62
N ASP A 907 -21.73 -17.46 20.36
CA ASP A 907 -21.05 -16.23 19.96
C ASP A 907 -21.82 -15.55 18.82
N ASP A 908 -21.77 -14.22 18.81
CA ASP A 908 -22.39 -13.44 17.74
C ASP A 908 -21.48 -13.39 16.50
N PRO A 909 -22.05 -13.23 15.30
CA PRO A 909 -21.23 -12.97 14.10
C PRO A 909 -20.42 -11.66 14.15
N ASP A 910 -20.95 -10.65 14.86
CA ASP A 910 -20.27 -9.36 15.01
C ASP A 910 -19.04 -9.40 15.93
N THR A 911 -18.93 -10.44 16.76
CA THR A 911 -17.80 -10.60 17.69
C THR A 911 -16.46 -10.68 16.96
N GLU A 912 -15.44 -10.07 17.57
CA GLU A 912 -14.09 -10.02 16.98
C GLU A 912 -13.39 -11.37 17.13
N LEU A 913 -12.40 -11.60 16.26
CA LEU A 913 -11.72 -12.90 16.14
C LEU A 913 -11.15 -13.46 17.44
N TYR A 914 -10.36 -12.65 18.14
CA TYR A 914 -9.62 -13.14 19.32
C TYR A 914 -10.49 -13.57 20.50
N MET A 915 -11.68 -12.97 20.64
CA MET A 915 -12.62 -13.36 21.69
C MET A 915 -13.42 -14.64 21.39
N THR A 916 -13.36 -15.14 20.16
CA THR A 916 -14.10 -16.37 19.78
C THR A 916 -13.54 -17.61 20.45
N GLN A 917 -14.39 -18.62 20.59
CA GLN A 917 -14.03 -19.85 21.32
C GLN A 917 -12.80 -20.58 20.75
N PRO A 918 -12.81 -20.93 19.45
CA PRO A 918 -11.74 -21.81 18.96
C PRO A 918 -10.36 -21.15 18.90
N PHE A 919 -10.30 -19.84 18.71
CA PHE A 919 -9.03 -19.11 18.72
C PHE A 919 -8.42 -19.02 20.12
N ALA A 920 -9.24 -19.18 21.16
CA ALA A 920 -8.73 -19.30 22.53
C ALA A 920 -8.20 -20.71 22.80
N CYS A 921 -8.88 -21.71 22.25
CA CYS A 921 -8.49 -23.10 22.40
C CYS A 921 -7.26 -23.51 21.56
N GLY A 922 -7.00 -22.78 20.48
CA GLY A 922 -5.87 -23.05 19.59
C GLY A 922 -6.16 -24.03 18.48
N THR A 923 -7.43 -24.31 18.22
CA THR A 923 -7.85 -25.15 17.11
C THR A 923 -7.81 -24.40 15.78
N ALA A 924 -7.84 -23.07 15.84
CA ALA A 924 -7.78 -22.21 14.66
C ALA A 924 -6.52 -21.36 14.67
N PHE A 925 -6.16 -20.85 13.50
CA PHE A 925 -5.04 -19.94 13.35
C PHE A 925 -5.17 -19.16 12.04
N ALA A 926 -5.07 -17.84 12.13
CA ALA A 926 -5.21 -16.95 10.98
C ALA A 926 -3.86 -16.57 10.41
N VAL A 927 -3.84 -16.34 9.09
CA VAL A 927 -2.64 -15.86 8.40
C VAL A 927 -2.50 -14.34 8.59
N SER A 928 -3.64 -13.67 8.82
CA SER A 928 -3.67 -12.21 9.05
C SER A 928 -2.88 -11.71 10.27
N VAL A 929 -2.50 -12.62 11.17
CA VAL A 929 -1.63 -12.29 12.29
C VAL A 929 -0.23 -11.81 11.85
N LEU A 930 0.23 -12.27 10.69
CA LEU A 930 1.54 -11.88 10.17
C LEU A 930 1.62 -10.41 9.74
N ASP A 931 0.49 -9.84 9.31
CA ASP A 931 0.41 -8.41 8.97
C ASP A 931 0.49 -7.54 10.23
N SER A 932 -0.11 -8.01 11.31
CA SER A 932 -0.05 -7.31 12.59
C SER A 932 1.36 -7.32 13.20
N LEU A 933 2.17 -8.33 12.87
CA LEU A 933 3.58 -8.36 13.31
C LEU A 933 4.44 -7.28 12.68
N MET A 934 4.03 -6.74 11.52
CA MET A 934 4.74 -5.65 10.88
C MET A 934 4.78 -4.40 11.76
N SER A 935 3.66 -4.13 12.44
CA SER A 935 3.60 -3.02 13.39
C SER A 935 4.56 -3.22 14.56
N THR A 936 4.53 -4.43 15.14
CA THR A 936 5.34 -4.73 16.33
C THR A 936 6.83 -4.59 16.06
N SER A 937 7.26 -5.01 14.87
CA SER A 937 8.66 -4.88 14.43
C SER A 937 9.11 -3.43 14.29
N TYR A 938 8.17 -2.54 13.93
CA TYR A 938 8.46 -1.10 13.85
C TYR A 938 8.65 -0.47 15.23
N PHE A 939 7.69 -0.67 16.14
CA PHE A 939 7.72 -0.03 17.47
C PHE A 939 8.84 -0.58 18.35
N ASN A 940 8.75 -1.86 18.71
CA ASN A 940 9.80 -2.53 19.47
C ASN A 940 10.82 -3.15 18.52
N ASP A 941 12.06 -2.68 18.59
CA ASP A 941 13.13 -3.16 17.70
C ASP A 941 13.53 -4.60 18.01
N ASN A 942 13.58 -4.94 19.30
CA ASN A 942 13.93 -6.29 19.75
C ASN A 942 12.69 -7.14 20.04
N ALA A 943 11.80 -7.22 19.05
CA ALA A 943 10.57 -8.02 19.13
C ALA A 943 10.65 -9.20 18.18
N LEU A 944 10.86 -8.91 16.90
CA LEU A 944 10.96 -9.93 15.86
C LEU A 944 12.07 -10.96 16.14
N THR A 945 13.15 -10.50 16.78
CA THR A 945 14.23 -11.37 17.23
C THR A 945 13.76 -12.37 18.28
N LEU A 946 13.07 -11.84 19.30
CA LEU A 946 12.52 -12.66 20.39
C LEU A 946 11.54 -13.73 19.89
N ILE A 947 10.75 -13.39 18.87
CA ILE A 947 9.75 -14.31 18.32
C ILE A 947 10.44 -15.50 17.66
N ARG A 948 11.37 -15.21 16.76
CA ARG A 948 12.10 -16.25 16.01
C ARG A 948 12.85 -17.23 16.91
N THR A 949 13.45 -16.72 17.99
CA THR A 949 14.16 -17.55 18.96
C THR A 949 13.23 -18.52 19.69
N LEU A 950 12.01 -18.09 19.97
CA LEU A 950 10.98 -18.96 20.55
C LEU A 950 10.41 -19.96 19.54
N ILE A 951 10.20 -19.51 18.30
CA ILE A 951 9.53 -20.33 17.28
C ILE A 951 10.46 -21.37 16.64
N THR A 952 11.47 -20.92 15.91
CA THR A 952 12.28 -21.80 15.06
C THR A 952 13.21 -22.77 15.80
N GLY A 953 13.48 -22.51 17.07
CA GLY A 953 14.34 -23.37 17.89
C GLY A 953 15.73 -22.79 18.01
N GLY A 954 16.38 -22.61 16.85
CA GLY A 954 17.70 -22.00 16.80
C GLY A 954 18.13 -21.62 15.39
N ALA A 955 17.34 -20.75 14.77
CA ALA A 955 17.64 -20.26 13.43
C ALA A 955 18.67 -19.12 13.48
N THR A 956 19.94 -19.50 13.37
CA THR A 956 21.05 -18.53 13.35
C THR A 956 21.19 -17.90 11.96
N PRO A 957 21.89 -16.74 11.87
CA PRO A 957 22.19 -16.16 10.55
C PRO A 957 23.22 -16.94 9.73
N GLU A 958 23.96 -17.85 10.37
CA GLU A 958 24.88 -18.75 9.67
C GLU A 958 24.14 -19.64 8.66
N LEU A 959 22.98 -20.15 9.06
CA LEU A 959 22.14 -21.00 8.20
C LEU A 959 21.64 -20.29 6.95
N GLU A 960 21.29 -19.01 7.10
CA GLU A 960 20.84 -18.18 5.97
C GLU A 960 21.91 -18.09 4.88
N GLN A 961 23.16 -17.89 5.29
CA GLN A 961 24.30 -17.84 4.36
C GLN A 961 24.62 -19.21 3.76
N ILE A 962 24.50 -20.26 4.56
CA ILE A 962 24.77 -21.64 4.11
C ILE A 962 23.69 -22.14 3.15
N LEU A 963 22.42 -21.89 3.48
CA LEU A 963 21.29 -22.24 2.61
C LEU A 963 21.27 -21.43 1.30
N ALA A 964 21.87 -20.24 1.31
CA ALA A 964 22.00 -19.40 0.11
C ALA A 964 22.93 -19.99 -0.95
N GLU A 965 23.90 -20.81 -0.52
CA GLU A 965 24.88 -21.42 -1.45
C GLU A 965 24.24 -22.36 -2.46
N GLY A 966 23.22 -23.12 -2.02
CA GLY A 966 22.50 -24.06 -2.88
C GLY A 966 22.83 -25.52 -2.65
N ALA A 967 23.89 -25.79 -1.88
CA ALA A 967 24.28 -27.17 -1.53
C ALA A 967 23.28 -27.85 -0.59
N GLY A 968 22.60 -27.06 0.24
CA GLY A 968 21.59 -27.56 1.17
C GLY A 968 22.13 -27.71 2.58
N MET A 969 21.46 -28.54 3.37
CA MET A 969 21.86 -28.79 4.77
C MET A 969 23.09 -29.68 4.79
N ARG A 970 24.24 -29.09 5.11
CA ARG A 970 25.51 -29.83 5.17
C ARG A 970 25.59 -30.67 6.45
N GLY A 971 26.12 -31.88 6.33
CA GLY A 971 26.15 -32.85 7.42
C GLY A 971 27.27 -32.60 8.43
N GLY A 972 28.09 -33.63 8.66
CA GLY A 972 29.17 -33.55 9.64
C GLY A 972 28.69 -33.82 11.05
N TYR A 973 29.44 -34.64 11.78
CA TYR A 973 29.06 -35.05 13.15
C TYR A 973 29.57 -34.09 14.25
N CYS A 974 30.40 -33.12 13.87
CA CYS A 974 30.79 -31.97 14.72
C CYS A 974 31.73 -32.31 15.89
N SER A 975 32.33 -31.25 16.44
CA SER A 975 33.23 -31.32 17.60
C SER A 975 32.43 -31.18 18.90
N PRO A 976 33.07 -31.47 20.06
CA PRO A 976 32.41 -31.21 21.35
C PRO A 976 32.07 -29.73 21.64
N ALA A 977 32.81 -28.80 21.04
CA ALA A 977 32.53 -27.36 21.19
C ALA A 977 31.22 -26.93 20.51
N VAL A 978 30.97 -27.46 19.32
CA VAL A 978 29.75 -27.15 18.56
C VAL A 978 28.51 -27.85 19.15
N LEU A 979 28.69 -29.09 19.59
CA LEU A 979 27.61 -29.87 20.22
C LEU A 979 27.16 -29.33 21.59
N ALA A 980 27.96 -28.47 22.22
CA ALA A 980 27.55 -27.75 23.44
C ALA A 980 26.42 -26.74 23.21
N ASN A 981 26.27 -26.27 21.97
CA ASN A 981 25.22 -25.30 21.61
C ASN A 981 23.78 -25.84 21.69
N ARG A 982 23.61 -27.17 21.63
CA ARG A 982 22.28 -27.79 21.73
C ARG A 982 21.60 -27.59 23.09
N ASP A 983 22.40 -27.43 24.14
CA ASP A 983 21.87 -27.18 25.49
C ASP A 983 21.30 -25.76 25.57
N ARG A 984 20.05 -25.62 25.15
CA ARG A 984 19.30 -24.36 25.18
C ARG A 984 17.85 -24.60 25.55
N CYS A 985 17.10 -23.51 25.75
CA CYS A 985 15.69 -23.61 26.13
C CYS A 985 14.79 -24.14 25.03
N ARG A 986 13.66 -24.70 25.44
CA ARG A 986 12.61 -25.14 24.53
C ARG A 986 11.25 -24.97 25.20
N VAL A 987 10.22 -24.74 24.37
CA VAL A 987 8.85 -24.61 24.87
C VAL A 987 8.29 -26.00 25.12
N ALA A 988 7.62 -26.17 26.25
CA ALA A 988 6.97 -27.44 26.59
C ALA A 988 5.84 -27.23 27.60
N GLN A 989 4.97 -28.23 27.69
CA GLN A 989 3.76 -28.15 28.51
C GLN A 989 3.80 -29.21 29.61
N ILE A 990 3.43 -28.81 30.83
CA ILE A 990 3.42 -29.69 32.01
C ILE A 990 2.03 -29.70 32.63
N SER A 991 1.56 -30.90 32.98
CA SER A 991 0.29 -31.10 33.68
C SER A 991 0.52 -31.29 35.18
N LEU A 992 -0.52 -31.04 35.97
CA LEU A 992 -0.48 -31.18 37.43
C LEU A 992 -1.36 -32.33 37.92
N PHE A 993 -1.35 -33.45 37.19
CA PHE A 993 -2.04 -34.66 37.61
C PHE A 993 -1.10 -35.55 38.41
N ASP A 994 0.10 -35.76 37.89
CA ASP A 994 1.16 -36.51 38.56
C ASP A 994 2.42 -35.65 38.72
N GLY A 995 3.42 -36.21 39.41
CA GLY A 995 4.72 -35.54 39.59
C GLY A 995 4.84 -34.80 40.92
N PRO A 996 5.99 -34.15 41.16
CA PRO A 996 6.23 -33.41 42.41
C PRO A 996 5.42 -32.11 42.53
N LEU A 997 5.00 -31.55 41.40
CA LEU A 997 4.19 -30.33 41.37
C LEU A 997 2.70 -30.58 41.62
N ALA A 998 2.29 -31.86 41.67
CA ALA A 998 0.90 -32.24 41.93
C ALA A 998 0.37 -31.86 43.32
N GLN A 999 1.28 -31.66 44.28
CA GLN A 999 0.92 -31.14 45.61
C GLN A 999 0.20 -29.78 45.55
N PHE A 1000 0.59 -28.93 44.61
CA PHE A 1000 -0.04 -27.62 44.42
C PHE A 1000 -1.41 -27.71 43.75
N GLY A 1001 -1.60 -28.73 42.90
CA GLY A 1001 -2.84 -28.93 42.15
C GLY A 1001 -4.12 -29.13 42.93
N GLN A 1002 -4.04 -29.62 44.17
CA GLN A 1002 -5.25 -29.84 44.99
C GLN A 1002 -5.92 -28.52 45.39
N GLY A 1003 -5.12 -27.52 45.75
CA GLY A 1003 -5.65 -26.19 46.08
C GLY A 1003 -4.58 -25.17 46.45
N GLY A 1004 -3.56 -25.05 45.61
CA GLY A 1004 -2.44 -24.13 45.84
C GLY A 1004 -2.66 -22.80 45.13
N HIS A 1005 -1.55 -22.14 44.81
CA HIS A 1005 -1.55 -20.88 44.05
C HIS A 1005 -0.44 -20.85 43.01
N TYR A 1006 -0.59 -19.96 42.03
CA TYR A 1006 0.36 -19.85 40.92
C TYR A 1006 1.73 -19.30 41.37
N GLY A 1007 1.72 -18.40 42.35
CA GLY A 1007 2.95 -17.84 42.91
C GLY A 1007 3.83 -18.85 43.61
N GLU A 1008 3.21 -19.75 44.37
CA GLU A 1008 3.92 -20.83 45.06
C GLU A 1008 4.52 -21.84 44.07
N LEU A 1009 3.78 -22.11 42.99
CA LEU A 1009 4.27 -22.95 41.89
C LEU A 1009 5.48 -22.34 41.19
N PHE A 1010 5.43 -21.02 40.98
CA PHE A 1010 6.48 -20.30 40.26
C PHE A 1010 7.84 -20.35 40.97
N VAL A 1011 7.83 -20.07 42.27
CA VAL A 1011 9.06 -20.00 43.06
C VAL A 1011 9.65 -21.38 43.30
N TYR A 1012 8.81 -22.36 43.63
CA TYR A 1012 9.24 -23.74 43.83
C TYR A 1012 9.82 -24.37 42.57
N ALA A 1013 9.25 -24.00 41.41
CA ALA A 1013 9.76 -24.46 40.12
C ALA A 1013 11.14 -23.88 39.80
N LEU A 1014 11.31 -22.59 40.04
CA LEU A 1014 12.51 -21.86 39.63
C LEU A 1014 13.74 -22.20 40.46
N ARG A 1015 13.58 -22.35 41.77
CA ARG A 1015 14.70 -22.63 42.68
C ARG A 1015 15.25 -24.05 42.52
N HIS A 1016 14.38 -25.03 42.74
CA HIS A 1016 14.80 -26.44 42.84
C HIS A 1016 15.13 -27.06 41.49
N PHE A 1017 14.23 -26.89 40.51
CA PHE A 1017 14.36 -27.53 39.19
C PHE A 1017 15.09 -26.66 38.17
N GLY A 1018 14.85 -25.34 38.22
CA GLY A 1018 15.38 -24.41 37.21
C GLY A 1018 14.41 -24.31 36.04
N ILE A 1019 13.14 -24.10 36.37
CA ILE A 1019 12.04 -24.10 35.41
C ILE A 1019 11.30 -22.76 35.49
N LEU A 1020 10.93 -22.22 34.33
CA LEU A 1020 10.19 -20.96 34.23
C LEU A 1020 8.81 -21.21 33.61
N CYS A 1021 7.76 -20.78 34.31
CA CYS A 1021 6.38 -20.93 33.86
C CYS A 1021 5.88 -19.64 33.23
N ILE A 1022 5.21 -19.74 32.09
CA ILE A 1022 4.70 -18.59 31.35
C ILE A 1022 3.21 -18.38 31.63
N GLY A 1023 2.41 -19.43 31.40
CA GLY A 1023 0.96 -19.34 31.54
C GLY A 1023 0.24 -20.67 31.64
N LEU A 1024 -1.05 -20.61 31.97
CA LEU A 1024 -1.88 -21.80 32.19
C LEU A 1024 -2.71 -22.16 30.97
N TYR A 1025 -3.25 -23.37 31.00
CA TYR A 1025 -4.02 -23.94 29.89
C TYR A 1025 -5.12 -24.86 30.45
N ARG A 1026 -6.19 -24.24 30.95
CA ARG A 1026 -7.23 -24.93 31.73
C ARG A 1026 -8.27 -25.65 30.88
N PHE A 1027 -8.96 -26.60 31.51
CA PHE A 1027 -10.22 -27.14 30.96
C PHE A 1027 -11.28 -26.03 30.93
N ARG A 1028 -12.27 -26.20 30.06
CA ARG A 1028 -13.31 -25.19 29.86
C ARG A 1028 -14.27 -25.08 31.05
N ASP A 1029 -14.71 -26.22 31.58
CA ASP A 1029 -15.65 -26.27 32.70
C ASP A 1029 -15.43 -27.48 33.61
N THR A 1030 -16.14 -27.49 34.73
CA THR A 1030 -16.09 -28.58 35.72
C THR A 1030 -17.49 -28.99 36.15
N SER A 1039 -13.26 -31.99 24.64
CA SER A 1039 -12.26 -31.60 25.63
C SER A 1039 -11.48 -30.35 25.16
N LYS A 1040 -12.18 -29.21 25.15
CA LYS A 1040 -11.58 -27.92 24.79
C LYS A 1040 -10.83 -27.35 25.98
N ARG A 1041 -9.82 -26.52 25.69
CA ARG A 1041 -8.96 -25.92 26.72
C ARG A 1041 -8.55 -24.49 26.37
N TYR A 1042 -9.09 -23.50 27.10
CA TYR A 1042 -8.72 -22.09 26.91
C TYR A 1042 -7.33 -21.77 27.48
N VAL A 1043 -6.84 -20.57 27.20
CA VAL A 1043 -5.47 -20.15 27.52
C VAL A 1043 -5.44 -18.95 28.49
N ILE A 1044 -4.49 -18.96 29.41
CA ILE A 1044 -4.24 -17.82 30.32
C ILE A 1044 -2.74 -17.50 30.29
N THR A 1045 -2.37 -16.32 29.78
CA THR A 1045 -0.97 -15.89 29.70
C THR A 1045 -0.60 -15.05 30.92
N ASN A 1046 0.24 -15.62 31.79
CA ASN A 1046 0.76 -14.93 32.98
C ASN A 1046 -0.33 -14.40 33.92
N PRO A 1047 -0.90 -15.27 34.77
CA PRO A 1047 -1.91 -14.83 35.73
C PRO A 1047 -1.27 -14.14 36.96
N PRO A 1048 -2.11 -13.62 37.89
CA PRO A 1048 -1.59 -13.08 39.15
C PRO A 1048 -1.03 -14.14 40.11
N GLU A 1049 -0.55 -13.68 41.27
CA GLU A 1049 -0.04 -14.57 42.32
C GLU A 1049 -1.18 -15.34 42.97
N ASP A 1050 -2.16 -14.60 43.50
CA ASP A 1050 -3.33 -15.18 44.16
C ASP A 1050 -4.33 -15.65 43.12
N PHE A 1051 -4.07 -16.82 42.55
CA PHE A 1051 -4.93 -17.43 41.54
C PHE A 1051 -4.99 -18.95 41.80
N PRO A 1052 -6.20 -19.51 41.91
CA PRO A 1052 -6.33 -20.94 42.25
C PRO A 1052 -5.93 -21.86 41.10
N LEU A 1053 -5.60 -23.11 41.45
CA LEU A 1053 -5.16 -24.12 40.48
C LEU A 1053 -5.91 -25.42 40.70
N LEU A 1054 -6.60 -25.89 39.67
CA LEU A 1054 -7.33 -27.16 39.71
C LEU A 1054 -6.36 -28.32 39.48
N PRO A 1055 -6.77 -29.57 39.80
CA PRO A 1055 -5.90 -30.72 39.52
C PRO A 1055 -5.67 -30.94 38.03
N THR A 1056 -6.74 -30.86 37.24
CA THR A 1056 -6.68 -31.06 35.79
C THR A 1056 -6.36 -29.76 35.06
N ASP A 1057 -5.16 -29.23 35.28
CA ASP A 1057 -4.66 -28.03 34.63
C ASP A 1057 -3.36 -28.34 33.93
N GLN A 1058 -2.97 -27.46 33.00
CA GLN A 1058 -1.73 -27.58 32.25
C GLN A 1058 -1.05 -26.22 32.15
N VAL A 1059 0.29 -26.22 32.15
CA VAL A 1059 1.09 -25.01 32.26
C VAL A 1059 2.15 -24.95 31.16
N TYR A 1060 2.30 -23.79 30.52
CA TYR A 1060 3.36 -23.56 29.53
C TYR A 1060 4.68 -23.28 30.24
N VAL A 1061 5.74 -23.94 29.78
CA VAL A 1061 7.00 -23.99 30.50
C VAL A 1061 8.20 -23.86 29.55
N LEU A 1062 9.26 -23.21 30.04
CA LEU A 1062 10.54 -23.11 29.34
C LEU A 1062 11.60 -23.93 30.09
N THR A 1063 11.82 -25.17 29.65
CA THR A 1063 12.80 -26.07 30.27
C THR A 1063 14.21 -25.77 29.80
N TYR A 1064 15.20 -26.39 30.46
CA TYR A 1064 16.62 -26.25 30.11
C TYR A 1064 17.31 -27.61 30.15
N LYS A 1065 16.67 -28.60 29.52
CA LYS A 1065 17.19 -29.98 29.50
C LYS A 1065 16.47 -30.83 28.45
C1 PGW B . -19.00 52.74 -20.53
C2 PGW B . -19.03 51.24 -20.71
C3 PGW B . -18.12 50.58 -19.68
C4 PGW B . -18.04 49.07 -19.92
C5 PGW B . -17.15 48.41 -18.89
C6 PGW B . -16.66 47.05 -19.39
C7 PGW B . -15.73 46.40 -18.36
C8 PGW B . -15.31 45.00 -18.83
C9 PGW B . -14.69 44.26 -17.67
#